data_6ZSP
#
_entry.id   6ZSP
#
_cell.length_a   53.943
_cell.length_b   81.191
_cell.length_c   134.468
_cell.angle_alpha   90.000
_cell.angle_beta   90.000
_cell.angle_gamma   90.000
#
_symmetry.space_group_name_H-M   'P 21 21 21'
#
loop_
_entity.id
_entity.type
_entity.pdbx_description
1 polymer 'Serine racemase'
2 non-polymer IMIDAZOLE
3 non-polymer 'MAGNESIUM ION'
4 non-polymer 'MALONATE ION'
5 non-polymer 1,2-ETHANEDIOL
6 non-polymer GLYCEROL
7 non-polymer "ADENOSINE-5'-TRIPHOSPHATE"
8 water water
#
_entity_poly.entity_id   1
_entity_poly.type   'polypeptide(L)'
_entity_poly.pdbx_seq_one_letter_code
;MDAQYDISFADVEKAHINIRDSIHLTPVLTSSILNQLTGRNLFFKCELFQKTGSF(LLP)IRGALNAVRSLVPDALERKP
KAVVTHSSGNHGQALTYAAKLEGIPAYIVVPQTAPDCKKLAIQAYGASIVYCEPSDESRENVAKRVTEETEGIMVHPNQE
PAVIAGQGTIALEVLNQVPLVDALVVPVGGGGMLAGIAITVKALKPSVKVYAAEPSNADDCYQSKLKGKLMPNLYPPETI
ADGVKSSIGLNTWPIIRDLVDDIFTVTEDEIKCATQLVWERMKLLIEPTAGVGVAAVLSQHFQTVSPEVKNICIVLSGGN
VDLTSSITWVKQAERPASYQSVSVHHHHHHQ
;
_entity_poly.pdbx_strand_id   AAA,BBB
#
loop_
_chem_comp.id
_chem_comp.type
_chem_comp.name
_chem_comp.formula
ATP non-polymer ADENOSINE-5'-TRIPHOSPHATE 'C10 H16 N5 O13 P3'
EDO non-polymer 1,2-ETHANEDIOL 'C2 H6 O2'
GOL non-polymer GLYCEROL 'C3 H8 O3'
IMD non-polymer IMIDAZOLE 'C3 H5 N2 1'
MG non-polymer 'MAGNESIUM ION' 'Mg 2'
MLI non-polymer 'MALONATE ION' 'C3 H2 O4 -2'
#
# COMPACT_ATOMS: atom_id res chain seq x y z
N GLN A 4 -21.11 13.50 -31.69
CA GLN A 4 -19.61 13.52 -31.81
C GLN A 4 -19.02 14.33 -30.66
N TYR A 5 -17.96 13.76 -30.07
CA TYR A 5 -17.23 14.36 -28.97
C TYR A 5 -15.77 14.48 -29.38
N ASP A 6 -14.93 15.04 -28.51
CA ASP A 6 -13.53 15.25 -28.84
C ASP A 6 -12.71 13.95 -28.84
N ILE A 7 -13.25 12.86 -28.26
CA ILE A 7 -12.70 11.54 -28.53
C ILE A 7 -13.85 10.61 -28.87
N SER A 8 -13.47 9.44 -29.39
CA SER A 8 -14.38 8.35 -29.72
C SER A 8 -13.98 7.09 -28.95
N PHE A 9 -14.88 6.11 -28.91
CA PHE A 9 -14.49 4.82 -28.36
C PHE A 9 -13.27 4.25 -29.12
N ALA A 10 -13.27 4.38 -30.45
CA ALA A 10 -12.15 3.90 -31.26
C ALA A 10 -10.83 4.48 -30.76
N ASP A 11 -10.85 5.76 -30.35
CA ASP A 11 -9.65 6.42 -29.81
C ASP A 11 -9.12 5.69 -28.59
N VAL A 12 -10.03 5.19 -27.74
CA VAL A 12 -9.62 4.54 -26.51
C VAL A 12 -9.00 3.18 -26.84
N GLU A 13 -9.65 2.47 -27.78
CA GLU A 13 -9.10 1.20 -28.22
C GLU A 13 -7.69 1.39 -28.78
N LYS A 14 -7.49 2.42 -29.58
N LYS A 14 -7.49 2.42 -29.60
CA LYS A 14 -6.17 2.65 -30.17
CA LYS A 14 -6.18 2.68 -30.18
C LYS A 14 -5.17 3.02 -29.08
C LYS A 14 -5.18 3.03 -29.09
N ALA A 15 -5.62 3.82 -28.10
CA ALA A 15 -4.78 4.15 -26.96
C ALA A 15 -4.30 2.89 -26.25
N HIS A 16 -5.18 1.90 -26.09
N HIS A 16 -5.18 1.90 -26.10
CA HIS A 16 -4.80 0.65 -25.43
CA HIS A 16 -4.83 0.66 -25.44
C HIS A 16 -3.68 -0.05 -26.22
C HIS A 16 -3.71 -0.06 -26.22
N ILE A 17 -3.82 -0.09 -27.55
N ILE A 17 -3.83 -0.08 -27.55
CA ILE A 17 -2.81 -0.67 -28.41
CA ILE A 17 -2.80 -0.68 -28.39
C ILE A 17 -1.49 0.08 -28.23
C ILE A 17 -1.48 0.08 -28.21
N ASN A 18 -1.57 1.40 -28.12
CA ASN A 18 -0.39 2.25 -28.05
C ASN A 18 0.38 2.08 -26.74
N ILE A 19 -0.29 1.70 -25.63
CA ILE A 19 0.37 1.73 -24.32
C ILE A 19 0.47 0.37 -23.62
N ARG A 20 -0.13 -0.70 -24.19
CA ARG A 20 -0.23 -1.98 -23.50
C ARG A 20 1.13 -2.68 -23.33
N ASP A 21 2.14 -2.21 -24.07
N ASP A 21 2.14 -2.24 -24.08
CA ASP A 21 3.45 -2.84 -23.96
CA ASP A 21 3.44 -2.88 -23.93
C ASP A 21 4.31 -2.05 -22.99
C ASP A 21 4.32 -2.05 -22.99
N SER A 22 3.72 -1.01 -22.38
CA SER A 22 4.49 -0.08 -21.55
C SER A 22 4.01 -0.01 -20.10
N ILE A 23 2.78 -0.46 -19.81
CA ILE A 23 2.25 -0.41 -18.45
C ILE A 23 1.71 -1.79 -18.07
N HIS A 24 1.83 -2.11 -16.78
N HIS A 24 1.64 -2.08 -16.76
N HIS A 24 1.69 -2.08 -16.76
CA HIS A 24 1.17 -3.28 -16.24
CA HIS A 24 1.02 -3.31 -16.31
CA HIS A 24 1.16 -3.33 -16.22
C HIS A 24 -0.31 -2.94 -16.06
C HIS A 24 -0.47 -3.09 -16.06
C HIS A 24 -0.34 -3.20 -15.97
N LEU A 25 -1.12 -4.01 -16.05
N LEU A 25 -1.26 -4.18 -16.09
CA LEU A 25 -2.53 -3.96 -15.70
CA LEU A 25 -2.64 -4.13 -15.63
C LEU A 25 -2.61 -3.96 -14.18
C LEU A 25 -2.56 -3.96 -14.12
N THR A 26 -3.07 -2.84 -13.61
CA THR A 26 -3.13 -2.68 -12.17
C THR A 26 -4.20 -3.58 -11.58
N PRO A 27 -3.98 -4.06 -10.34
CA PRO A 27 -4.92 -4.97 -9.69
C PRO A 27 -6.21 -4.28 -9.22
N VAL A 28 -7.23 -5.12 -8.99
CA VAL A 28 -8.45 -4.72 -8.34
C VAL A 28 -8.48 -5.42 -6.97
N LEU A 29 -8.59 -4.64 -5.90
N LEU A 29 -8.59 -4.63 -5.90
CA LEU A 29 -8.53 -5.18 -4.54
CA LEU A 29 -8.53 -5.15 -4.54
C LEU A 29 -9.85 -4.91 -3.85
C LEU A 29 -9.88 -4.92 -3.86
N THR A 30 -10.07 -5.59 -2.71
CA THR A 30 -11.34 -5.52 -1.99
C THR A 30 -11.10 -5.44 -0.48
N SER A 31 -12.13 -4.95 0.23
CA SER A 31 -12.09 -4.86 1.69
C SER A 31 -13.47 -5.23 2.25
N SER A 32 -13.52 -6.29 3.06
N SER A 32 -13.54 -6.28 3.06
CA SER A 32 -14.77 -6.69 3.72
CA SER A 32 -14.82 -6.64 3.65
C SER A 32 -15.25 -5.56 4.62
C SER A 32 -15.27 -5.55 4.63
N ILE A 33 -14.31 -4.88 5.28
CA ILE A 33 -14.66 -3.79 6.18
C ILE A 33 -15.34 -2.64 5.42
N LEU A 34 -14.77 -2.22 4.28
N LEU A 34 -14.77 -2.24 4.28
CA LEU A 34 -15.33 -1.13 3.52
CA LEU A 34 -15.32 -1.13 3.52
C LEU A 34 -16.68 -1.53 2.94
C LEU A 34 -16.65 -1.53 2.90
N ASN A 35 -16.81 -2.81 2.58
CA ASN A 35 -18.10 -3.34 2.13
C ASN A 35 -19.16 -3.17 3.22
N GLN A 36 -18.81 -3.53 4.46
N GLN A 36 -18.81 -3.52 4.47
CA GLN A 36 -19.74 -3.40 5.58
CA GLN A 36 -19.73 -3.41 5.59
C GLN A 36 -20.10 -1.94 5.81
C GLN A 36 -20.09 -1.96 5.87
N LEU A 37 -19.10 -1.04 5.76
CA LEU A 37 -19.32 0.36 6.07
C LEU A 37 -20.25 1.03 5.07
N THR A 38 -20.19 0.60 3.80
CA THR A 38 -20.93 1.26 2.73
C THR A 38 -22.22 0.50 2.42
N GLY A 39 -22.26 -0.78 2.80
CA GLY A 39 -23.34 -1.69 2.43
C GLY A 39 -23.37 -2.00 0.92
N ARG A 40 -22.21 -1.84 0.26
N ARG A 40 -22.21 -1.85 0.26
CA ARG A 40 -22.05 -2.13 -1.16
CA ARG A 40 -22.12 -2.18 -1.16
C ARG A 40 -21.06 -3.28 -1.34
C ARG A 40 -20.94 -3.13 -1.39
N ASN A 41 -20.88 -3.71 -2.59
CA ASN A 41 -19.84 -4.64 -2.98
C ASN A 41 -18.78 -3.86 -3.78
N LEU A 42 -17.71 -3.45 -3.06
CA LEU A 42 -16.74 -2.49 -3.60
C LEU A 42 -15.54 -3.21 -4.22
N PHE A 43 -15.03 -2.61 -5.31
CA PHE A 43 -13.82 -3.07 -5.97
C PHE A 43 -12.95 -1.84 -6.20
N PHE A 44 -11.67 -1.97 -5.90
CA PHE A 44 -10.79 -0.80 -5.90
C PHE A 44 -9.76 -0.99 -7.00
N LYS A 45 -9.80 -0.12 -8.01
CA LYS A 45 -8.88 -0.20 -9.14
C LYS A 45 -7.61 0.56 -8.75
N CYS A 46 -6.49 -0.16 -8.61
CA CYS A 46 -5.33 0.37 -7.89
C CYS A 46 -4.33 1.06 -8.81
N GLU A 47 -4.73 2.24 -9.33
N GLU A 47 -4.72 2.21 -9.34
CA GLU A 47 -3.91 3.07 -10.20
CA GLU A 47 -3.78 2.86 -10.23
C GLU A 47 -2.71 3.64 -9.45
C GLU A 47 -2.67 3.57 -9.45
N LEU A 48 -2.76 3.58 -8.11
CA LEU A 48 -1.62 4.05 -7.31
C LEU A 48 -0.36 3.23 -7.59
N PHE A 49 -0.53 2.01 -8.13
CA PHE A 49 0.62 1.16 -8.42
C PHE A 49 1.15 1.37 -9.85
N GLN A 50 0.54 2.28 -10.62
N GLN A 50 0.54 2.29 -10.61
CA GLN A 50 0.95 2.59 -11.98
CA GLN A 50 1.00 2.58 -11.96
C GLN A 50 2.35 3.22 -11.95
C GLN A 50 2.41 3.18 -11.91
N LYS A 51 3.13 3.07 -13.03
CA LYS A 51 4.41 3.76 -13.14
C LYS A 51 4.22 5.26 -12.85
N THR A 52 5.09 5.80 -11.99
CA THR A 52 5.09 7.19 -11.52
C THR A 52 4.03 7.47 -10.49
N GLY A 53 3.19 6.48 -10.14
CA GLY A 53 2.31 6.56 -8.99
C GLY A 53 0.88 7.04 -9.27
N SER A 54 0.48 7.15 -10.55
CA SER A 54 -0.90 7.52 -10.85
C SER A 54 -1.28 7.06 -12.25
N PHE A 55 -2.59 7.13 -12.55
CA PHE A 55 -3.08 6.69 -13.84
C PHE A 55 -2.57 7.60 -14.96
N1 LLP A 56 -6.72 11.72 -9.15
C2 LLP A 56 -5.41 11.81 -9.37
C2' LLP A 56 -4.48 11.13 -8.41
C3 LLP A 56 -4.91 12.53 -10.48
O3 LLP A 56 -3.56 12.58 -10.64
C4 LLP A 56 -5.79 13.18 -11.36
C4' LLP A 56 -5.24 13.87 -12.54
C5 LLP A 56 -7.16 13.05 -11.10
C6 LLP A 56 -7.57 12.36 -9.99
C5' LLP A 56 -8.24 13.75 -11.89
OP4 LLP A 56 -8.14 13.54 -13.33
P LLP A 56 -8.70 14.72 -14.24
OP1 LLP A 56 -7.87 15.98 -13.96
OP2 LLP A 56 -8.44 14.17 -15.62
OP3 LLP A 56 -10.16 14.89 -13.89
N LLP A 56 -1.99 8.78 -14.64
CA LLP A 56 -1.63 9.75 -15.66
CB LLP A 56 -1.08 11.07 -15.08
CG LLP A 56 -2.04 11.93 -14.26
CD LLP A 56 -3.14 12.62 -15.07
CE LLP A 56 -3.72 13.87 -14.40
NZ LLP A 56 -4.06 13.60 -13.00
C LLP A 56 -0.60 9.20 -16.65
O LLP A 56 -0.44 9.75 -17.73
N ILE A 57 0.09 8.11 -16.29
CA ILE A 57 1.02 7.49 -17.22
C ILE A 57 0.28 7.09 -18.50
N ARG A 58 -1.00 6.72 -18.38
CA ARG A 58 -1.76 6.25 -19.54
C ARG A 58 -1.87 7.35 -20.60
N GLY A 59 -2.44 8.48 -20.22
CA GLY A 59 -2.59 9.61 -21.14
C GLY A 59 -1.25 10.15 -21.64
N ALA A 60 -0.23 10.14 -20.77
CA ALA A 60 1.11 10.64 -21.11
C ALA A 60 1.76 9.77 -22.18
N LEU A 61 1.76 8.44 -21.96
CA LEU A 61 2.33 7.53 -22.95
C LEU A 61 1.55 7.63 -24.26
N ASN A 62 0.22 7.72 -24.18
CA ASN A 62 -0.57 7.78 -25.40
C ASN A 62 -0.21 9.04 -26.18
N ALA A 63 -0.08 10.17 -25.48
CA ALA A 63 0.17 11.45 -26.12
C ALA A 63 1.54 11.44 -26.82
N VAL A 64 2.54 10.91 -26.12
CA VAL A 64 3.90 10.88 -26.63
C VAL A 64 3.98 9.97 -27.86
N ARG A 65 3.36 8.79 -27.79
N ARG A 65 3.35 8.80 -27.78
CA ARG A 65 3.38 7.85 -28.91
CA ARG A 65 3.33 7.84 -28.88
C ARG A 65 2.62 8.42 -30.11
C ARG A 65 2.64 8.44 -30.10
N SER A 66 1.67 9.31 -29.84
CA SER A 66 0.87 9.96 -30.87
C SER A 66 1.61 11.15 -31.50
N LEU A 67 2.71 11.59 -30.88
CA LEU A 67 3.54 12.67 -31.40
C LEU A 67 4.69 12.08 -32.25
N LYS A 75 11.73 13.59 -31.48
CA LYS A 75 11.82 14.50 -32.65
C LYS A 75 11.51 15.94 -32.23
N PRO A 76 10.36 16.22 -31.56
N PRO A 76 10.36 16.21 -31.56
CA PRO A 76 10.10 17.55 -31.00
CA PRO A 76 10.10 17.54 -30.99
C PRO A 76 11.24 17.99 -30.09
C PRO A 76 11.24 17.99 -30.09
N LYS A 77 11.42 19.31 -29.97
CA LYS A 77 12.50 19.87 -29.18
C LYS A 77 12.28 19.54 -27.71
N ALA A 78 11.01 19.55 -27.29
CA ALA A 78 10.62 19.36 -25.91
C ALA A 78 9.13 19.11 -25.83
N VAL A 79 8.69 18.45 -24.76
CA VAL A 79 7.28 18.45 -24.41
C VAL A 79 7.12 19.39 -23.22
N VAL A 80 5.98 20.07 -23.20
CA VAL A 80 5.63 21.03 -22.14
C VAL A 80 4.22 20.70 -21.61
N THR A 81 3.96 20.96 -20.31
CA THR A 81 2.60 20.90 -19.82
C THR A 81 2.52 21.74 -18.55
N HIS A 82 1.31 21.84 -17.97
CA HIS A 82 1.15 22.30 -16.60
C HIS A 82 0.55 21.15 -15.81
N SER A 83 0.87 21.10 -14.53
CA SER A 83 0.46 19.95 -13.73
C SER A 83 0.54 20.30 -12.23
N SER A 84 -0.38 19.73 -11.44
CA SER A 84 -0.22 19.72 -10.00
C SER A 84 0.82 18.69 -9.59
N GLY A 85 1.25 17.82 -10.52
CA GLY A 85 2.38 16.95 -10.25
C GLY A 85 2.32 15.61 -10.99
N ASN A 86 1.15 14.98 -10.98
CA ASN A 86 1.08 13.61 -11.47
C ASN A 86 1.25 13.58 -12.99
N HIS A 87 0.52 14.47 -13.70
CA HIS A 87 0.65 14.50 -15.15
C HIS A 87 2.09 14.86 -15.53
N GLY A 88 2.67 15.78 -14.74
CA GLY A 88 4.03 16.22 -14.98
C GLY A 88 5.04 15.08 -14.88
N GLN A 89 4.94 14.28 -13.79
N GLN A 89 4.97 14.25 -13.83
CA GLN A 89 5.82 13.15 -13.59
CA GLN A 89 5.97 13.20 -13.74
C GLN A 89 5.67 12.19 -14.76
C GLN A 89 5.69 12.13 -14.79
N ALA A 90 4.41 11.91 -15.10
CA ALA A 90 4.07 10.91 -16.10
C ALA A 90 4.60 11.32 -17.47
N LEU A 91 4.35 12.56 -17.86
CA LEU A 91 4.81 13.08 -19.15
C LEU A 91 6.35 13.08 -19.18
N THR A 92 6.99 13.45 -18.07
CA THR A 92 8.46 13.44 -18.04
C THR A 92 9.00 12.03 -18.31
N TYR A 93 8.43 11.04 -17.64
CA TYR A 93 8.85 9.65 -17.81
C TYR A 93 8.63 9.20 -19.26
N ALA A 94 7.45 9.50 -19.82
CA ALA A 94 7.11 9.03 -21.16
C ALA A 94 8.03 9.70 -22.17
N ALA A 95 8.30 11.00 -21.97
CA ALA A 95 9.18 11.75 -22.87
C ALA A 95 10.60 11.18 -22.83
N LYS A 96 11.05 10.82 -21.61
CA LYS A 96 12.40 10.33 -21.38
C LYS A 96 12.63 9.01 -22.13
N LEU A 97 11.57 8.19 -22.22
CA LEU A 97 11.65 6.93 -22.94
C LEU A 97 12.09 7.19 -24.39
N GLU A 98 11.75 8.37 -24.91
CA GLU A 98 11.99 8.75 -26.30
C GLU A 98 13.15 9.73 -26.41
N GLY A 99 13.78 10.07 -25.28
CA GLY A 99 14.91 10.99 -25.26
C GLY A 99 14.52 12.44 -25.55
N ILE A 100 13.30 12.82 -25.15
CA ILE A 100 12.75 14.13 -25.38
C ILE A 100 12.78 14.90 -24.06
N PRO A 101 13.36 16.14 -24.04
CA PRO A 101 13.33 17.01 -22.86
C PRO A 101 11.91 17.40 -22.44
N ALA A 102 11.70 17.64 -21.14
CA ALA A 102 10.38 18.01 -20.64
C ALA A 102 10.48 19.23 -19.74
N TYR A 103 9.50 20.12 -19.89
N TYR A 103 9.50 20.12 -19.88
CA TYR A 103 9.35 21.29 -19.03
CA TYR A 103 9.34 21.29 -19.04
C TYR A 103 7.95 21.27 -18.44
C TYR A 103 7.94 21.27 -18.44
N ILE A 104 7.88 21.25 -17.11
CA ILE A 104 6.61 21.09 -16.41
C ILE A 104 6.36 22.36 -15.60
N VAL A 105 5.22 22.99 -15.91
CA VAL A 105 4.72 24.15 -15.20
C VAL A 105 3.86 23.65 -14.04
N VAL A 106 4.23 24.08 -12.82
CA VAL A 106 3.62 23.53 -11.62
C VAL A 106 3.21 24.66 -10.68
N PRO A 107 1.98 24.67 -10.13
CA PRO A 107 1.60 25.64 -9.11
C PRO A 107 2.54 25.61 -7.90
N GLN A 108 2.82 26.81 -7.36
CA GLN A 108 3.69 27.03 -6.22
C GLN A 108 3.28 26.18 -5.03
N THR A 109 1.97 25.90 -4.92
CA THR A 109 1.40 25.24 -3.76
C THR A 109 1.35 23.72 -3.91
N ALA A 110 1.86 23.17 -5.04
CA ALA A 110 1.88 21.72 -5.24
C ALA A 110 2.65 21.06 -4.10
N PRO A 111 2.29 19.82 -3.68
CA PRO A 111 3.05 19.12 -2.66
C PRO A 111 4.50 18.90 -3.08
N ASP A 112 5.40 18.95 -2.09
CA ASP A 112 6.83 18.82 -2.31
C ASP A 112 7.19 17.49 -2.97
N CYS A 113 6.48 16.41 -2.61
CA CYS A 113 6.82 15.09 -3.11
C CYS A 113 6.66 15.06 -4.63
N LYS A 114 5.66 15.81 -5.13
CA LYS A 114 5.41 15.86 -6.56
C LYS A 114 6.43 16.78 -7.24
N LYS A 115 6.75 17.90 -6.59
CA LYS A 115 7.75 18.79 -7.17
C LYS A 115 9.09 18.06 -7.28
N LEU A 116 9.47 17.33 -6.23
CA LEU A 116 10.74 16.62 -6.22
C LEU A 116 10.76 15.44 -7.20
N ALA A 117 9.63 14.71 -7.31
CA ALA A 117 9.62 13.60 -8.25
C ALA A 117 9.80 14.08 -9.68
N ILE A 118 9.16 15.20 -10.04
CA ILE A 118 9.26 15.72 -11.39
C ILE A 118 10.73 15.95 -11.69
N GLN A 119 11.43 16.60 -10.75
CA GLN A 119 12.84 16.87 -10.97
C GLN A 119 13.66 15.58 -10.96
N ALA A 120 13.28 14.61 -10.11
CA ALA A 120 13.98 13.33 -10.12
C ALA A 120 13.93 12.64 -11.48
N TYR A 121 12.81 12.78 -12.22
CA TYR A 121 12.70 12.09 -13.50
C TYR A 121 13.38 12.89 -14.61
N GLY A 122 13.92 14.07 -14.24
CA GLY A 122 14.81 14.79 -15.15
C GLY A 122 14.20 16.00 -15.84
N ALA A 123 12.98 16.41 -15.47
CA ALA A 123 12.36 17.55 -16.11
C ALA A 123 12.92 18.87 -15.58
N SER A 124 12.79 19.94 -16.37
N SER A 124 12.77 19.93 -16.37
CA SER A 124 12.86 21.29 -15.85
CA SER A 124 12.82 21.31 -15.92
C SER A 124 11.49 21.66 -15.29
C SER A 124 11.47 21.65 -15.29
N ILE A 125 11.48 22.20 -14.07
CA ILE A 125 10.24 22.61 -13.43
C ILE A 125 10.16 24.14 -13.43
N VAL A 126 8.98 24.66 -13.68
CA VAL A 126 8.75 26.10 -13.69
C VAL A 126 7.51 26.35 -12.85
N TYR A 127 7.69 27.02 -11.72
CA TYR A 127 6.53 27.22 -10.87
C TYR A 127 5.67 28.34 -11.45
N CYS A 128 4.36 28.22 -11.24
CA CYS A 128 3.41 29.24 -11.62
C CYS A 128 2.53 29.54 -10.41
N GLU A 129 1.64 30.54 -10.55
CA GLU A 129 0.69 30.81 -9.48
C GLU A 129 -0.40 29.73 -9.49
N PRO A 130 -1.02 29.44 -8.32
CA PRO A 130 -2.03 28.38 -8.29
C PRO A 130 -3.39 28.86 -8.79
N SER A 131 -3.55 28.97 -10.12
CA SER A 131 -4.84 29.22 -10.71
C SER A 131 -4.83 28.56 -12.08
N ASP A 132 -6.03 28.30 -12.64
CA ASP A 132 -6.18 27.77 -13.99
C ASP A 132 -5.48 28.70 -14.98
N GLU A 133 -5.70 30.01 -14.82
N GLU A 133 -5.70 30.01 -14.82
CA GLU A 133 -5.21 31.02 -15.75
CA GLU A 133 -5.21 31.02 -15.75
C GLU A 133 -3.68 31.02 -15.80
C GLU A 133 -3.68 31.03 -15.80
N SER A 134 -3.06 30.99 -14.62
CA SER A 134 -1.61 31.04 -14.54
C SER A 134 -1.02 29.76 -15.13
N ARG A 135 -1.64 28.62 -14.80
CA ARG A 135 -1.18 27.36 -15.36
C ARG A 135 -1.19 27.46 -16.89
N GLU A 136 -2.34 27.87 -17.45
CA GLU A 136 -2.51 27.87 -18.90
C GLU A 136 -1.56 28.89 -19.55
N ASN A 137 -1.54 30.10 -18.98
CA ASN A 137 -0.73 31.17 -19.57
C ASN A 137 0.76 30.83 -19.53
N VAL A 138 1.24 30.35 -18.37
CA VAL A 138 2.67 30.05 -18.24
C VAL A 138 3.05 28.90 -19.16
N ALA A 139 2.22 27.86 -19.25
CA ALA A 139 2.54 26.74 -20.14
C ALA A 139 2.61 27.21 -21.59
N LYS A 140 1.71 28.11 -21.99
CA LYS A 140 1.73 28.62 -23.36
CA LYS A 140 1.72 28.63 -23.35
C LYS A 140 3.05 29.36 -23.61
N ARG A 141 3.48 30.19 -22.66
CA ARG A 141 4.72 30.93 -22.83
C ARG A 141 5.92 29.98 -22.86
N VAL A 142 5.93 28.95 -22.01
CA VAL A 142 7.05 28.02 -21.97
C VAL A 142 7.10 27.27 -23.30
N THR A 143 5.92 26.94 -23.83
CA THR A 143 5.82 26.25 -25.11
C THR A 143 6.42 27.13 -26.21
N GLU A 144 6.06 28.42 -26.20
CA GLU A 144 6.60 29.35 -27.20
C GLU A 144 8.12 29.47 -27.05
N GLU A 145 8.61 29.62 -25.82
CA GLU A 145 10.02 29.86 -25.58
C GLU A 145 10.89 28.65 -25.90
N THR A 146 10.36 27.44 -25.76
CA THR A 146 11.15 26.23 -25.97
C THR A 146 10.92 25.67 -27.38
N GLU A 147 9.93 26.20 -28.10
CA GLU A 147 9.44 25.65 -29.36
C GLU A 147 9.02 24.19 -29.15
N GLY A 148 8.50 23.92 -27.95
CA GLY A 148 8.09 22.58 -27.57
C GLY A 148 6.68 22.26 -28.05
N ILE A 149 6.20 21.07 -27.67
N ILE A 149 6.20 21.07 -27.67
CA ILE A 149 4.85 20.62 -27.95
CA ILE A 149 4.85 20.62 -27.96
C ILE A 149 4.11 20.55 -26.62
C ILE A 149 4.10 20.56 -26.63
N MET A 150 3.00 21.28 -26.53
CA MET A 150 2.17 21.34 -25.33
C MET A 150 1.28 20.09 -25.28
N VAL A 151 1.27 19.40 -24.14
CA VAL A 151 0.46 18.21 -23.93
C VAL A 151 -0.39 18.47 -22.69
N HIS A 152 -1.64 18.88 -22.93
CA HIS A 152 -2.50 19.38 -21.86
C HIS A 152 -2.86 18.23 -20.93
N PRO A 153 -2.91 18.43 -19.59
CA PRO A 153 -3.18 17.34 -18.66
C PRO A 153 -4.59 16.73 -18.72
N ASN A 154 -5.56 17.41 -19.34
CA ASN A 154 -6.91 16.87 -19.30
C ASN A 154 -7.75 17.20 -20.54
N GLN A 155 -7.32 18.18 -21.37
CA GLN A 155 -8.13 18.58 -22.50
C GLN A 155 -7.62 18.01 -23.84
N GLU A 156 -6.40 17.45 -23.83
CA GLU A 156 -5.79 16.92 -25.04
C GLU A 156 -6.46 15.58 -25.39
N PRO A 157 -7.10 15.44 -26.57
N PRO A 157 -6.99 15.39 -26.62
CA PRO A 157 -7.74 14.18 -26.96
CA PRO A 157 -7.73 14.16 -26.96
C PRO A 157 -6.91 12.91 -26.72
C PRO A 157 -6.91 12.89 -26.72
N ALA A 158 -5.62 12.93 -27.07
CA ALA A 158 -4.79 11.76 -26.87
C ALA A 158 -4.66 11.41 -25.38
N VAL A 159 -4.66 12.44 -24.52
CA VAL A 159 -4.58 12.22 -23.08
C VAL A 159 -5.90 11.61 -22.59
N ILE A 160 -7.03 12.24 -22.95
CA ILE A 160 -8.34 11.75 -22.54
C ILE A 160 -8.52 10.29 -22.95
N ALA A 161 -8.19 9.97 -24.22
CA ALA A 161 -8.34 8.61 -24.69
C ALA A 161 -7.47 7.64 -23.88
N GLY A 162 -6.25 8.06 -23.50
CA GLY A 162 -5.35 7.25 -22.69
C GLY A 162 -5.96 6.92 -21.33
N GLN A 163 -6.59 7.93 -20.68
CA GLN A 163 -7.18 7.72 -19.37
C GLN A 163 -8.32 6.70 -19.47
N GLY A 164 -9.05 6.77 -20.59
CA GLY A 164 -10.20 5.91 -20.80
C GLY A 164 -9.86 4.43 -20.72
N THR A 165 -8.58 4.07 -20.96
CA THR A 165 -8.19 2.67 -20.95
C THR A 165 -8.38 2.05 -19.57
N ILE A 166 -8.42 2.89 -18.51
CA ILE A 166 -8.77 2.37 -17.18
C ILE A 166 -10.04 1.54 -17.27
N ALA A 167 -11.02 2.03 -18.01
CA ALA A 167 -12.32 1.36 -18.02
C ALA A 167 -12.30 0.08 -18.85
N LEU A 168 -11.46 0.01 -19.90
CA LEU A 168 -11.33 -1.27 -20.59
C LEU A 168 -10.90 -2.35 -19.59
N GLU A 169 -9.93 -2.01 -18.72
CA GLU A 169 -9.45 -2.99 -17.78
C GLU A 169 -10.54 -3.31 -16.76
N VAL A 170 -11.18 -2.27 -16.22
CA VAL A 170 -12.17 -2.50 -15.17
C VAL A 170 -13.30 -3.43 -15.65
N LEU A 171 -13.78 -3.20 -16.88
N LEU A 171 -13.81 -3.18 -16.86
CA LEU A 171 -14.91 -3.94 -17.39
CA LEU A 171 -14.97 -3.94 -17.34
C LEU A 171 -14.55 -5.41 -17.61
C LEU A 171 -14.58 -5.40 -17.54
N ASN A 172 -13.26 -5.71 -17.83
N ASN A 172 -13.30 -5.63 -17.79
CA ASN A 172 -12.82 -7.09 -17.94
CA ASN A 172 -12.73 -6.96 -17.96
C ASN A 172 -12.55 -7.67 -16.55
C ASN A 172 -12.53 -7.62 -16.60
N GLN A 173 -12.02 -6.84 -15.64
CA GLN A 173 -11.63 -7.38 -14.33
C GLN A 173 -12.85 -7.59 -13.44
N VAL A 174 -13.87 -6.77 -13.64
CA VAL A 174 -15.07 -6.76 -12.83
C VAL A 174 -16.25 -6.79 -13.80
N PRO A 175 -16.44 -7.93 -14.53
CA PRO A 175 -17.50 -8.02 -15.54
C PRO A 175 -18.92 -7.70 -15.09
N LEU A 176 -19.21 -7.89 -13.80
CA LEU A 176 -20.54 -7.64 -13.29
C LEU A 176 -20.61 -6.27 -12.57
N VAL A 177 -19.68 -5.36 -12.87
CA VAL A 177 -19.71 -4.05 -12.23
C VAL A 177 -21.02 -3.32 -12.56
N ASP A 178 -21.58 -2.56 -11.60
CA ASP A 178 -22.80 -1.79 -11.76
C ASP A 178 -22.53 -0.29 -11.89
N ALA A 179 -21.38 0.17 -11.35
CA ALA A 179 -21.05 1.59 -11.42
C ALA A 179 -19.54 1.74 -11.29
N LEU A 180 -18.97 2.73 -12.01
CA LEU A 180 -17.63 3.23 -11.69
C LEU A 180 -17.76 4.59 -10.99
N VAL A 181 -16.91 4.81 -9.99
CA VAL A 181 -16.82 6.05 -9.26
C VAL A 181 -15.42 6.65 -9.52
N VAL A 182 -15.41 7.89 -10.04
CA VAL A 182 -14.23 8.48 -10.64
C VAL A 182 -14.02 9.87 -10.05
N PRO A 183 -12.86 10.18 -9.42
CA PRO A 183 -12.59 11.55 -8.95
C PRO A 183 -12.41 12.46 -10.15
N VAL A 184 -12.91 13.71 -10.05
CA VAL A 184 -12.87 14.59 -11.20
C VAL A 184 -12.15 15.88 -10.84
N GLY A 185 -11.20 16.25 -11.71
CA GLY A 185 -10.54 17.54 -11.74
C GLY A 185 -10.81 18.22 -13.08
N GLY A 186 -9.87 18.12 -14.03
CA GLY A 186 -10.10 18.63 -15.36
C GLY A 186 -11.10 17.79 -16.17
N GLY A 187 -11.37 16.57 -15.70
CA GLY A 187 -12.37 15.73 -16.36
C GLY A 187 -11.79 14.87 -17.48
N GLY A 188 -10.47 14.79 -17.58
CA GLY A 188 -9.85 13.90 -18.57
C GLY A 188 -10.14 12.43 -18.28
N MET A 189 -9.87 12.00 -17.04
CA MET A 189 -10.19 10.63 -16.68
C MET A 189 -11.70 10.37 -16.76
N LEU A 190 -12.50 11.25 -16.16
CA LEU A 190 -13.95 11.05 -16.18
C LEU A 190 -14.47 10.95 -17.61
N ALA A 191 -14.03 11.84 -18.51
CA ALA A 191 -14.55 11.82 -19.88
C ALA A 191 -14.07 10.56 -20.60
N GLY A 192 -12.81 10.17 -20.40
CA GLY A 192 -12.34 8.96 -21.10
C GLY A 192 -13.06 7.70 -20.61
N ILE A 193 -13.30 7.63 -19.29
CA ILE A 193 -14.04 6.53 -18.69
C ILE A 193 -15.50 6.53 -19.15
N ALA A 194 -16.11 7.71 -19.18
CA ALA A 194 -17.52 7.79 -19.58
C ALA A 194 -17.71 7.29 -21.02
N ILE A 195 -16.82 7.69 -21.93
CA ILE A 195 -16.89 7.28 -23.34
C ILE A 195 -16.77 5.76 -23.40
N THR A 196 -15.81 5.23 -22.63
CA THR A 196 -15.48 3.83 -22.72
C THR A 196 -16.64 3.01 -22.16
N VAL A 197 -17.13 3.37 -20.97
CA VAL A 197 -18.15 2.58 -20.31
C VAL A 197 -19.45 2.69 -21.10
N LYS A 198 -19.84 3.91 -21.48
CA LYS A 198 -21.10 4.09 -22.17
C LYS A 198 -21.10 3.41 -23.54
N ALA A 199 -19.94 3.33 -24.22
CA ALA A 199 -19.86 2.63 -25.50
C ALA A 199 -20.03 1.11 -25.38
N LEU A 200 -19.39 0.50 -24.37
CA LEU A 200 -19.39 -0.95 -24.24
C LEU A 200 -20.58 -1.45 -23.45
N LYS A 201 -20.94 -0.76 -22.35
CA LYS A 201 -21.87 -1.27 -21.36
C LYS A 201 -22.66 -0.10 -20.79
N PRO A 202 -23.57 0.50 -21.58
CA PRO A 202 -24.29 1.70 -21.17
C PRO A 202 -25.16 1.57 -19.92
N SER A 203 -25.53 0.34 -19.53
CA SER A 203 -26.31 0.19 -18.30
C SER A 203 -25.45 0.39 -17.05
N VAL A 204 -24.12 0.39 -17.19
CA VAL A 204 -23.24 0.62 -16.05
C VAL A 204 -23.22 2.12 -15.78
N LYS A 205 -23.40 2.53 -14.51
N LYS A 205 -23.41 2.53 -14.51
CA LYS A 205 -23.40 3.92 -14.10
CA LYS A 205 -23.40 3.94 -14.14
C LYS A 205 -21.97 4.47 -14.09
C LYS A 205 -21.98 4.47 -14.11
N VAL A 206 -21.85 5.76 -14.45
CA VAL A 206 -20.58 6.47 -14.30
C VAL A 206 -20.86 7.63 -13.34
N TYR A 207 -20.22 7.62 -12.16
CA TYR A 207 -20.43 8.65 -11.17
C TYR A 207 -19.12 9.37 -10.92
N ALA A 208 -19.20 10.71 -10.87
CA ALA A 208 -18.06 11.53 -10.50
C ALA A 208 -18.10 11.83 -9.00
N ALA A 209 -16.89 12.01 -8.46
CA ALA A 209 -16.70 12.39 -7.08
C ALA A 209 -15.86 13.65 -7.08
N GLU A 210 -16.24 14.66 -6.31
CA GLU A 210 -15.54 15.94 -6.46
C GLU A 210 -15.45 16.63 -5.09
N PRO A 211 -14.32 17.30 -4.73
CA PRO A 211 -14.31 18.07 -3.50
C PRO A 211 -15.29 19.26 -3.54
N SER A 212 -16.01 19.46 -2.43
CA SER A 212 -16.86 20.63 -2.27
C SER A 212 -16.05 21.91 -2.44
N ASN A 213 -14.77 21.86 -2.03
CA ASN A 213 -13.87 23.01 -2.10
C ASN A 213 -13.35 23.22 -3.52
N ALA A 214 -13.75 22.40 -4.49
CA ALA A 214 -13.35 22.63 -5.88
C ALA A 214 -14.44 22.10 -6.81
N ASP A 215 -15.66 22.59 -6.57
CA ASP A 215 -16.87 21.91 -7.02
C ASP A 215 -17.43 22.43 -8.36
N ASP A 216 -16.59 22.95 -9.25
CA ASP A 216 -17.00 23.39 -10.58
C ASP A 216 -17.74 22.30 -11.37
N CYS A 217 -17.36 21.02 -11.25
CA CYS A 217 -17.99 20.04 -12.12
C CYS A 217 -19.45 19.79 -11.68
N TYR A 218 -19.63 19.81 -10.37
CA TYR A 218 -20.94 19.65 -9.77
C TYR A 218 -21.81 20.85 -10.16
N GLN A 219 -21.25 22.06 -10.04
CA GLN A 219 -21.98 23.29 -10.29
C GLN A 219 -22.38 23.35 -11.77
N SER A 220 -21.45 22.91 -12.64
CA SER A 220 -21.65 22.86 -14.08
C SER A 220 -22.80 21.95 -14.47
N LYS A 221 -22.84 20.74 -13.88
N LYS A 221 -22.84 20.74 -13.88
CA LYS A 221 -23.87 19.77 -14.20
CA LYS A 221 -23.85 19.76 -14.22
C LYS A 221 -25.22 20.26 -13.70
C LYS A 221 -25.22 20.22 -13.73
N LEU A 222 -25.21 20.90 -12.53
N LEU A 222 -25.23 20.90 -12.58
CA LEU A 222 -26.43 21.41 -11.90
CA LEU A 222 -26.46 21.37 -11.94
C LEU A 222 -27.05 22.50 -12.78
C LEU A 222 -27.05 22.53 -12.73
N LYS A 223 -26.20 23.35 -13.35
CA LYS A 223 -26.62 24.53 -14.11
C LYS A 223 -26.75 24.21 -15.60
N GLY A 224 -26.09 23.14 -16.05
CA GLY A 224 -26.14 22.73 -17.45
C GLY A 224 -25.31 23.63 -18.35
N LYS A 225 -24.29 24.28 -17.76
N LYS A 225 -24.28 24.27 -17.77
CA LYS A 225 -23.30 25.06 -18.50
CA LYS A 225 -23.30 25.06 -18.50
C LYS A 225 -21.98 24.98 -17.75
C LYS A 225 -21.98 25.00 -17.75
N LEU A 226 -20.86 25.13 -18.47
CA LEU A 226 -19.53 25.07 -17.86
C LEU A 226 -19.34 26.27 -16.93
N MET A 227 -19.14 25.99 -15.63
CA MET A 227 -18.92 27.02 -14.62
C MET A 227 -17.57 26.77 -13.94
N PRO A 228 -16.46 27.38 -14.41
CA PRO A 228 -15.15 27.19 -13.75
C PRO A 228 -15.14 27.70 -12.31
N ASN A 229 -14.22 27.16 -11.50
CA ASN A 229 -13.99 27.67 -10.16
C ASN A 229 -13.65 29.15 -10.25
N LEU A 230 -14.21 29.97 -9.34
CA LEU A 230 -13.97 31.42 -9.34
C LEU A 230 -12.67 31.71 -8.61
N TYR A 231 -12.56 31.26 -7.35
CA TYR A 231 -11.32 31.43 -6.63
C TYR A 231 -10.45 30.20 -6.83
N PRO A 232 -9.11 30.37 -6.76
CA PRO A 232 -8.20 29.22 -6.76
C PRO A 232 -8.61 28.28 -5.61
N PRO A 233 -8.95 26.99 -5.88
CA PRO A 233 -9.37 26.09 -4.80
C PRO A 233 -8.30 25.81 -3.75
N GLU A 234 -8.76 25.71 -2.51
CA GLU A 234 -7.93 25.21 -1.43
C GLU A 234 -8.55 23.90 -0.96
N THR A 235 -7.83 22.80 -1.21
CA THR A 235 -8.31 21.47 -0.87
C THR A 235 -7.10 20.56 -0.72
N ILE A 236 -7.25 19.59 0.19
CA ILE A 236 -6.20 18.59 0.37
CA ILE A 236 -6.23 18.56 0.39
C ILE A 236 -6.17 17.66 -0.85
N ALA A 237 -7.23 17.71 -1.66
CA ALA A 237 -7.29 16.91 -2.88
C ALA A 237 -6.55 17.64 -4.00
N ASP A 238 -5.21 17.70 -3.86
CA ASP A 238 -4.39 18.66 -4.59
C ASP A 238 -4.37 18.37 -6.09
N GLY A 239 -4.78 17.15 -6.50
CA GLY A 239 -4.74 16.74 -7.90
C GLY A 239 -6.02 17.08 -8.67
N VAL A 240 -7.05 17.61 -7.98
CA VAL A 240 -8.31 17.91 -8.67
C VAL A 240 -8.72 19.37 -8.45
N LYS A 241 -7.73 20.27 -8.46
CA LYS A 241 -8.05 21.68 -8.33
C LYS A 241 -8.37 22.32 -9.70
N SER A 242 -7.95 21.66 -10.80
CA SER A 242 -8.26 22.14 -12.16
C SER A 242 -9.77 22.26 -12.39
N SER A 243 -10.18 23.30 -13.11
CA SER A 243 -11.57 23.30 -13.59
C SER A 243 -11.72 22.32 -14.77
N ILE A 244 -12.95 21.84 -14.99
CA ILE A 244 -13.24 21.14 -16.24
C ILE A 244 -13.11 22.12 -17.42
N GLY A 245 -12.89 21.58 -18.63
CA GLY A 245 -12.64 22.41 -19.81
C GLY A 245 -13.60 22.10 -20.95
N LEU A 246 -13.35 22.71 -22.13
CA LEU A 246 -14.34 22.75 -23.19
C LEU A 246 -14.42 21.39 -23.89
N ASN A 247 -13.34 20.60 -23.79
CA ASN A 247 -13.30 19.31 -24.46
C ASN A 247 -13.95 18.23 -23.58
N THR A 248 -13.76 18.31 -22.26
CA THR A 248 -14.33 17.28 -21.40
C THR A 248 -15.76 17.61 -20.95
N TRP A 249 -16.13 18.89 -20.87
CA TRP A 249 -17.47 19.24 -20.40
C TRP A 249 -18.60 18.54 -21.18
N PRO A 250 -18.62 18.55 -22.53
CA PRO A 250 -19.75 17.95 -23.26
C PRO A 250 -19.96 16.47 -22.97
N ILE A 251 -18.84 15.74 -22.79
CA ILE A 251 -18.89 14.33 -22.47
C ILE A 251 -19.49 14.16 -21.07
N ILE A 252 -19.03 14.97 -20.11
CA ILE A 252 -19.52 14.88 -18.75
C ILE A 252 -21.01 15.25 -18.69
N ARG A 253 -21.34 16.31 -19.39
CA ARG A 253 -22.72 16.79 -19.49
C ARG A 253 -23.65 15.67 -19.93
N ASP A 254 -23.26 14.91 -20.95
CA ASP A 254 -24.18 14.00 -21.61
C ASP A 254 -24.13 12.58 -21.05
N LEU A 255 -22.97 12.15 -20.52
CA LEU A 255 -22.73 10.73 -20.32
C LEU A 255 -22.45 10.35 -18.87
N VAL A 256 -22.25 11.34 -17.98
CA VAL A 256 -22.03 11.01 -16.59
C VAL A 256 -23.36 11.04 -15.84
N ASP A 257 -23.61 9.99 -15.06
CA ASP A 257 -24.90 9.78 -14.41
C ASP A 257 -25.18 10.77 -13.26
N ASP A 258 -24.16 11.03 -12.44
CA ASP A 258 -24.36 11.93 -11.31
C ASP A 258 -22.97 12.29 -10.76
N ILE A 259 -22.93 13.38 -9.98
CA ILE A 259 -21.72 13.90 -9.36
C ILE A 259 -22.00 14.00 -7.88
N PHE A 260 -21.09 13.48 -7.07
CA PHE A 260 -21.22 13.57 -5.63
C PHE A 260 -20.10 14.44 -5.06
N THR A 261 -20.47 15.46 -4.28
CA THR A 261 -19.46 16.33 -3.68
C THR A 261 -19.13 15.82 -2.28
N VAL A 262 -17.87 16.00 -1.88
CA VAL A 262 -17.41 15.55 -0.58
C VAL A 262 -16.59 16.65 0.09
N THR A 263 -16.77 16.79 1.40
CA THR A 263 -16.07 17.81 2.17
C THR A 263 -14.63 17.42 2.49
N GLU A 264 -13.83 18.42 2.84
CA GLU A 264 -12.45 18.18 3.24
C GLU A 264 -12.37 17.09 4.30
N ASP A 265 -13.26 17.17 5.31
CA ASP A 265 -13.20 16.24 6.42
C ASP A 265 -13.52 14.82 5.91
N GLU A 266 -14.52 14.71 5.02
CA GLU A 266 -14.87 13.41 4.46
C GLU A 266 -13.71 12.79 3.68
N ILE A 267 -12.98 13.65 2.93
CA ILE A 267 -11.85 13.20 2.15
C ILE A 267 -10.75 12.67 3.09
N LYS A 268 -10.45 13.44 4.15
CA LYS A 268 -9.43 13.07 5.12
C LYS A 268 -9.78 11.73 5.79
N CYS A 269 -11.06 11.59 6.21
CA CYS A 269 -11.53 10.37 6.88
CA CYS A 269 -11.48 10.37 6.88
C CYS A 269 -11.42 9.16 5.94
N ALA A 270 -11.85 9.35 4.69
CA ALA A 270 -11.86 8.22 3.77
C ALA A 270 -10.43 7.81 3.42
N THR A 271 -9.52 8.80 3.28
CA THR A 271 -8.15 8.51 2.91
C THR A 271 -7.47 7.69 4.02
N GLN A 272 -7.64 8.13 5.26
CA GLN A 272 -7.08 7.42 6.41
C GLN A 272 -7.68 6.01 6.53
N LEU A 273 -8.98 5.88 6.21
N LEU A 273 -8.99 5.86 6.23
CA LEU A 273 -9.68 4.60 6.26
CA LEU A 273 -9.64 4.55 6.28
C LEU A 273 -9.01 3.61 5.30
C LEU A 273 -8.95 3.60 5.31
N VAL A 274 -8.70 4.06 4.07
CA VAL A 274 -8.07 3.18 3.10
C VAL A 274 -6.65 2.84 3.58
N TRP A 275 -5.95 3.84 4.10
CA TRP A 275 -4.62 3.59 4.64
C TRP A 275 -4.67 2.48 5.69
N GLU A 276 -5.54 2.66 6.70
CA GLU A 276 -5.51 1.79 7.86
C GLU A 276 -6.15 0.43 7.57
N ARG A 277 -7.21 0.39 6.75
CA ARG A 277 -7.90 -0.86 6.51
C ARG A 277 -7.31 -1.64 5.33
N MET A 278 -6.77 -0.96 4.31
CA MET A 278 -6.36 -1.64 3.10
C MET A 278 -4.85 -1.62 2.90
N LYS A 279 -4.17 -0.73 3.63
CA LYS A 279 -2.71 -0.64 3.56
C LYS A 279 -2.22 -0.12 2.20
N LEU A 280 -3.11 0.57 1.49
CA LEU A 280 -2.76 1.18 0.22
C LEU A 280 -2.53 2.65 0.44
N LEU A 281 -1.33 3.13 0.09
N LEU A 281 -1.34 3.13 0.08
CA LEU A 281 -0.98 4.52 0.36
CA LEU A 281 -1.00 4.51 0.37
C LEU A 281 -1.52 5.42 -0.74
C LEU A 281 -1.52 5.43 -0.72
N ILE A 282 -2.84 5.62 -0.73
CA ILE A 282 -3.48 6.52 -1.68
C ILE A 282 -3.20 7.98 -1.31
N GLU A 283 -3.10 8.86 -2.32
CA GLU A 283 -3.05 10.28 -2.01
C GLU A 283 -4.47 10.74 -1.70
N PRO A 284 -4.66 11.87 -1.01
CA PRO A 284 -6.01 12.29 -0.64
C PRO A 284 -6.94 12.52 -1.83
N THR A 285 -6.42 12.96 -3.00
CA THR A 285 -7.24 13.07 -4.21
C THR A 285 -7.92 11.73 -4.54
N ALA A 286 -7.21 10.62 -4.32
CA ALA A 286 -7.76 9.28 -4.56
C ALA A 286 -8.76 8.90 -3.48
N GLY A 287 -8.71 9.56 -2.31
CA GLY A 287 -9.72 9.34 -1.30
C GLY A 287 -11.07 9.96 -1.63
N VAL A 288 -11.12 10.84 -2.62
CA VAL A 288 -12.34 11.55 -2.98
C VAL A 288 -13.44 10.56 -3.41
N GLY A 289 -13.08 9.58 -4.23
CA GLY A 289 -14.05 8.59 -4.70
C GLY A 289 -14.56 7.71 -3.57
N VAL A 290 -13.66 7.41 -2.62
CA VAL A 290 -14.03 6.58 -1.48
C VAL A 290 -14.99 7.38 -0.60
N ALA A 291 -14.65 8.65 -0.35
CA ALA A 291 -15.52 9.52 0.43
C ALA A 291 -16.90 9.62 -0.22
N ALA A 292 -16.95 9.66 -1.56
CA ALA A 292 -18.24 9.77 -2.24
C ALA A 292 -19.14 8.59 -1.89
N VAL A 293 -18.58 7.39 -1.92
CA VAL A 293 -19.41 6.22 -1.69
C VAL A 293 -19.85 6.16 -0.23
N LEU A 294 -19.06 6.76 0.67
CA LEU A 294 -19.39 6.80 2.10
C LEU A 294 -20.34 7.95 2.47
N SER A 295 -20.66 8.83 1.51
CA SER A 295 -21.32 10.10 1.76
C SER A 295 -22.83 9.93 1.90
N GLN A 296 -23.44 10.89 2.61
CA GLN A 296 -24.87 10.86 2.88
C GLN A 296 -25.66 10.77 1.58
N HIS A 297 -25.29 11.61 0.60
CA HIS A 297 -26.04 11.70 -0.64
C HIS A 297 -25.96 10.41 -1.46
N PHE A 298 -24.88 9.63 -1.29
CA PHE A 298 -24.73 8.40 -2.05
C PHE A 298 -25.76 7.35 -1.62
N GLN A 299 -26.34 7.52 -0.43
CA GLN A 299 -27.40 6.65 0.07
C GLN A 299 -28.59 6.66 -0.89
N THR A 300 -28.81 7.80 -1.56
CA THR A 300 -29.91 7.95 -2.49
C THR A 300 -29.69 7.07 -3.72
N VAL A 301 -28.47 6.55 -3.90
CA VAL A 301 -28.19 5.66 -5.01
C VAL A 301 -28.95 4.36 -4.79
N SER A 302 -29.70 3.93 -5.82
CA SER A 302 -30.53 2.75 -5.79
C SER A 302 -29.78 1.57 -5.16
N PRO A 303 -30.44 0.80 -4.27
CA PRO A 303 -29.84 -0.41 -3.70
C PRO A 303 -29.45 -1.45 -4.75
N GLU A 304 -29.97 -1.27 -5.96
CA GLU A 304 -29.68 -2.16 -7.10
C GLU A 304 -28.26 -1.91 -7.62
N VAL A 305 -27.71 -0.72 -7.35
CA VAL A 305 -26.36 -0.43 -7.78
C VAL A 305 -25.42 -1.02 -6.72
N LYS A 306 -25.08 -2.31 -6.86
CA LYS A 306 -24.47 -3.07 -5.77
C LYS A 306 -22.95 -3.12 -5.93
N ASN A 307 -22.49 -3.48 -7.14
CA ASN A 307 -21.09 -3.72 -7.41
C ASN A 307 -20.49 -2.41 -7.93
N ILE A 308 -19.63 -1.80 -7.12
N ILE A 308 -19.66 -1.77 -7.09
CA ILE A 308 -19.13 -0.49 -7.46
CA ILE A 308 -19.12 -0.46 -7.40
C ILE A 308 -17.60 -0.55 -7.52
C ILE A 308 -17.60 -0.58 -7.52
N CYS A 309 -17.04 -0.08 -8.64
CA CYS A 309 -15.59 0.02 -8.78
C CYS A 309 -15.20 1.47 -8.54
N ILE A 310 -14.35 1.71 -7.53
CA ILE A 310 -13.82 3.04 -7.26
C ILE A 310 -12.39 3.08 -7.82
N VAL A 311 -12.05 4.14 -8.58
CA VAL A 311 -10.71 4.27 -9.11
C VAL A 311 -9.82 4.91 -8.03
N LEU A 312 -8.86 4.14 -7.50
CA LEU A 312 -7.88 4.74 -6.60
C LEU A 312 -6.76 5.32 -7.47
N SER A 313 -6.91 6.62 -7.76
CA SER A 313 -6.27 7.19 -8.95
C SER A 313 -4.77 7.45 -8.76
N GLY A 314 -4.31 7.56 -7.52
CA GLY A 314 -2.89 7.84 -7.32
C GLY A 314 -2.43 7.63 -5.89
N GLY A 315 -1.10 7.58 -5.71
CA GLY A 315 -0.51 7.36 -4.38
C GLY A 315 0.60 8.35 -4.06
N ASN A 316 0.58 9.52 -4.72
CA ASN A 316 1.67 10.48 -4.57
C ASN A 316 1.36 11.45 -3.44
N VAL A 317 1.61 10.99 -2.21
CA VAL A 317 1.20 11.77 -1.06
C VAL A 317 2.44 12.18 -0.27
N ASP A 318 2.41 13.43 0.19
CA ASP A 318 3.47 14.10 0.92
C ASP A 318 3.21 13.79 2.39
N LEU A 319 4.00 12.86 2.93
N LEU A 319 4.01 12.88 2.95
CA LEU A 319 3.83 12.31 4.26
CA LEU A 319 3.70 12.36 4.27
C LEU A 319 4.04 13.39 5.32
C LEU A 319 4.08 13.35 5.37
N THR A 320 5.01 14.26 5.05
CA THR A 320 5.40 15.33 5.96
C THR A 320 4.29 16.38 6.02
N SER A 321 3.55 16.49 4.92
CA SER A 321 2.41 17.39 4.80
C SER A 321 1.18 16.75 5.43
N SER A 322 1.07 15.42 5.33
CA SER A 322 -0.09 14.68 5.81
C SER A 322 -0.13 14.64 7.35
N ILE A 323 0.99 15.06 7.97
CA ILE A 323 1.15 15.03 9.42
C ILE A 323 0.22 16.05 10.06
N THR A 324 -0.03 17.16 9.36
CA THR A 324 -0.86 18.26 9.83
C THR A 324 -2.26 17.78 10.19
N TRP A 325 -2.79 16.80 9.45
CA TRP A 325 -4.22 16.51 9.52
C TRP A 325 -4.52 15.09 10.00
N VAL A 326 -3.49 14.24 10.11
CA VAL A 326 -3.70 12.87 10.58
C VAL A 326 -4.39 12.90 11.94
N LYS A 327 -5.49 12.14 12.06
CA LYS A 327 -6.43 12.21 13.16
C LYS A 327 -6.36 10.93 14.00
N GLN A 328 -6.27 11.10 15.32
CA GLN A 328 -6.38 9.97 16.26
C GLN A 328 -7.85 9.66 16.48
N ALA A 329 -8.16 8.39 16.78
CA ALA A 329 -9.52 7.95 16.98
C ALA A 329 -10.18 8.72 18.13
N GLU A 330 -11.41 9.17 17.90
CA GLU A 330 -12.13 10.01 18.85
C GLU A 330 -13.53 9.43 19.12
N GLN B 4 16.96 -32.55 17.60
N GLN B 4 15.86 -33.28 17.86
CA GLN B 4 15.84 -32.08 16.72
CA GLN B 4 15.62 -32.25 16.80
C GLN B 4 15.19 -30.86 17.35
C GLN B 4 14.99 -31.01 17.44
N TYR B 5 14.20 -30.29 16.64
CA TYR B 5 13.59 -29.03 17.03
C TYR B 5 12.13 -29.24 17.41
N ASP B 6 11.52 -28.18 17.94
CA ASP B 6 10.17 -28.22 18.49
C ASP B 6 9.12 -28.26 17.38
N ILE B 7 9.51 -27.97 16.13
CA ILE B 7 8.63 -28.27 15.02
C ILE B 7 9.45 -28.96 13.93
N SER B 8 8.75 -29.58 12.97
CA SER B 8 9.40 -30.12 11.80
C SER B 8 8.68 -29.61 10.55
N PHE B 9 9.21 -29.95 9.38
CA PHE B 9 8.57 -29.53 8.15
C PHE B 9 7.15 -30.08 8.05
N ALA B 10 6.92 -31.31 8.53
CA ALA B 10 5.58 -31.90 8.51
C ALA B 10 4.57 -31.04 9.25
N ASP B 11 5.00 -30.40 10.34
CA ASP B 11 4.17 -29.47 11.11
C ASP B 11 3.73 -28.27 10.26
N VAL B 12 4.64 -27.77 9.40
CA VAL B 12 4.36 -26.61 8.58
C VAL B 12 3.36 -27.01 7.49
N GLU B 13 3.60 -28.18 6.90
CA GLU B 13 2.72 -28.70 5.87
C GLU B 13 1.30 -28.83 6.44
N LYS B 14 1.21 -29.39 7.65
CA LYS B 14 -0.05 -29.59 8.33
C LYS B 14 -0.73 -28.25 8.61
N ALA B 15 0.08 -27.26 9.02
CA ALA B 15 -0.45 -25.94 9.33
C ALA B 15 -1.10 -25.36 8.08
N HIS B 16 -0.46 -25.58 6.94
CA HIS B 16 -0.96 -25.03 5.70
C HIS B 16 -2.35 -25.62 5.42
N ILE B 17 -2.50 -26.93 5.64
CA ILE B 17 -3.77 -27.60 5.44
C ILE B 17 -4.82 -27.00 6.39
N ASN B 18 -4.40 -26.69 7.61
CA ASN B 18 -5.29 -26.22 8.67
C ASN B 18 -5.83 -24.82 8.36
N ILE B 19 -5.03 -23.96 7.70
CA ILE B 19 -5.34 -22.54 7.61
C ILE B 19 -5.65 -22.07 6.19
N ARG B 20 -5.32 -22.85 5.16
CA ARG B 20 -5.31 -22.31 3.80
C ARG B 20 -6.66 -21.70 3.42
N ASP B 21 -7.76 -22.32 3.89
CA ASP B 21 -9.10 -21.90 3.53
C ASP B 21 -9.49 -20.59 4.21
N SER B 22 -8.68 -20.11 5.16
CA SER B 22 -9.05 -18.93 5.93
C SER B 22 -8.08 -17.75 5.73
N ILE B 23 -7.01 -17.91 4.95
CA ILE B 23 -6.02 -16.84 4.89
C ILE B 23 -5.87 -16.39 3.45
N HIS B 24 -5.14 -15.26 3.27
N HIS B 24 -5.08 -15.32 3.22
CA HIS B 24 -4.79 -14.76 1.97
CA HIS B 24 -4.79 -14.85 1.87
C HIS B 24 -3.48 -15.40 1.52
C HIS B 24 -3.47 -15.44 1.36
N LEU B 25 -3.46 -15.90 0.27
N LEU B 25 -3.45 -15.92 0.11
CA LEU B 25 -2.22 -16.08 -0.47
CA LEU B 25 -2.17 -16.11 -0.56
C LEU B 25 -1.74 -14.71 -0.92
C LEU B 25 -1.66 -14.74 -0.98
N THR B 26 -0.85 -14.11 -0.13
CA THR B 26 -0.48 -12.72 -0.35
C THR B 26 0.43 -12.61 -1.55
N PRO B 27 0.35 -11.47 -2.28
CA PRO B 27 1.18 -11.26 -3.45
C PRO B 27 2.66 -11.01 -3.15
N VAL B 28 3.49 -11.22 -4.20
CA VAL B 28 4.87 -10.79 -4.18
C VAL B 28 4.96 -9.62 -5.16
N LEU B 29 5.41 -8.45 -4.67
N LEU B 29 5.41 -8.45 -4.66
CA LEU B 29 5.51 -7.26 -5.50
CA LEU B 29 5.54 -7.25 -5.48
C LEU B 29 6.97 -6.87 -5.66
C LEU B 29 7.00 -6.89 -5.67
N THR B 30 7.25 -6.01 -6.65
CA THR B 30 8.61 -5.63 -6.97
C THR B 30 8.70 -4.12 -7.18
N SER B 31 9.93 -3.59 -7.18
CA SER B 31 10.17 -2.17 -7.46
C SER B 31 11.52 -2.03 -8.15
N SER B 32 11.51 -1.50 -9.38
CA SER B 32 12.72 -1.18 -10.14
C SER B 32 13.65 -0.25 -9.35
N ILE B 33 13.05 0.66 -8.59
CA ILE B 33 13.82 1.65 -7.84
C ILE B 33 14.58 0.99 -6.69
N LEU B 34 13.89 0.12 -5.93
CA LEU B 34 14.53 -0.55 -4.82
C LEU B 34 15.59 -1.52 -5.32
N ASN B 35 15.35 -2.11 -6.50
CA ASN B 35 16.38 -2.94 -7.12
C ASN B 35 17.64 -2.10 -7.40
N GLN B 36 17.43 -0.94 -8.02
N GLN B 36 17.44 -0.93 -8.02
CA GLN B 36 18.52 -0.03 -8.35
CA GLN B 36 18.54 -0.05 -8.35
C GLN B 36 19.29 0.39 -7.10
C GLN B 36 19.30 0.38 -7.09
N LEU B 37 18.57 0.78 -6.04
CA LEU B 37 19.19 1.25 -4.81
C LEU B 37 20.02 0.17 -4.12
N THR B 38 19.58 -1.10 -4.17
CA THR B 38 20.22 -2.17 -3.41
C THR B 38 21.22 -2.94 -4.27
N GLY B 39 21.09 -2.84 -5.59
CA GLY B 39 21.89 -3.62 -6.52
C GLY B 39 21.46 -5.09 -6.59
N ARG B 40 20.29 -5.39 -6.03
CA ARG B 40 19.82 -6.77 -6.02
C ARG B 40 18.48 -6.83 -6.73
N ASN B 41 17.98 -8.04 -6.96
CA ASN B 41 16.64 -8.24 -7.50
CA ASN B 41 16.65 -8.27 -7.51
C ASN B 41 15.73 -8.66 -6.35
N LEU B 42 14.90 -7.71 -5.90
CA LEU B 42 14.11 -7.89 -4.68
C LEU B 42 12.70 -8.35 -4.98
N PHE B 43 12.17 -9.19 -4.09
CA PHE B 43 10.81 -9.70 -4.17
C PHE B 43 10.16 -9.48 -2.81
N PHE B 44 9.06 -8.72 -2.78
CA PHE B 44 8.49 -8.36 -1.49
C PHE B 44 7.26 -9.23 -1.21
N LYS B 45 7.33 -10.03 -0.15
CA LYS B 45 6.21 -10.88 0.24
C LYS B 45 5.26 -10.05 1.12
N CYS B 46 4.04 -9.76 0.61
CA CYS B 46 3.19 -8.69 1.16
C CYS B 46 2.21 -9.18 2.25
N GLU B 47 2.75 -9.56 3.41
CA GLU B 47 1.91 -10.04 4.50
C GLU B 47 1.12 -8.89 5.14
N LEU B 48 1.44 -7.64 4.80
CA LEU B 48 0.65 -6.51 5.29
C LEU B 48 -0.80 -6.59 4.80
N PHE B 49 -1.03 -7.36 3.69
CA PHE B 49 -2.38 -7.53 3.18
C PHE B 49 -3.09 -8.74 3.78
N GLN B 50 -2.43 -9.44 4.69
CA GLN B 50 -3.04 -10.56 5.39
C GLN B 50 -4.21 -10.10 6.27
N LYS B 51 -5.11 -11.03 6.62
N LYS B 51 -5.12 -11.02 6.61
CA LYS B 51 -6.20 -10.74 7.54
CA LYS B 51 -6.21 -10.69 7.52
C LYS B 51 -5.64 -10.22 8.86
C LYS B 51 -5.64 -10.22 8.84
N THR B 52 -6.18 -9.09 9.32
CA THR B 52 -5.77 -8.37 10.53
C THR B 52 -4.50 -7.56 10.33
N GLY B 53 -3.90 -7.57 9.13
CA GLY B 53 -2.81 -6.62 8.86
C GLY B 53 -1.40 -7.19 9.07
N SER B 54 -1.26 -8.46 9.44
CA SER B 54 0.06 -9.06 9.55
C SER B 54 0.00 -10.57 9.37
N PHE B 55 1.20 -11.18 9.29
CA PHE B 55 1.31 -12.62 9.09
C PHE B 55 0.83 -13.41 10.30
N1 LLP B 56 6.95 -8.12 12.06
C2 LLP B 56 5.69 -8.00 12.44
C2' LLP B 56 4.82 -7.00 11.73
C3 LLP B 56 5.18 -8.80 13.47
O3 LLP B 56 3.90 -8.64 13.81
C4 LLP B 56 6.01 -9.74 14.12
C4' LLP B 56 5.42 -10.60 15.16
C5 LLP B 56 7.34 -9.83 13.69
C6 LLP B 56 7.76 -9.02 12.68
C5' LLP B 56 8.36 -10.75 14.32
OP4 LLP B 56 7.92 -12.12 14.45
P LLP B 56 8.53 -13.05 15.64
OP1 LLP B 56 8.12 -12.41 16.96
OP2 LLP B 56 7.88 -14.39 15.41
OP3 LLP B 56 10.03 -13.00 15.42
N LLP B 56 0.60 -12.75 11.44
CA LLP B 56 0.32 -13.47 12.69
CB LLP B 56 0.30 -12.51 13.90
CG LLP B 56 1.62 -11.83 14.26
CD LLP B 56 2.57 -12.75 15.00
CE LLP B 56 3.63 -12.04 15.87
NZ LLP B 56 4.14 -10.83 15.21
C LLP B 56 -0.98 -14.26 12.60
O LLP B 56 -1.21 -15.17 13.38
N ILE B 57 -1.84 -13.93 11.62
CA ILE B 57 -3.08 -14.69 11.44
C ILE B 57 -2.75 -16.18 11.18
N ARG B 58 -1.58 -16.45 10.59
CA ARG B 58 -1.21 -17.81 10.23
C ARG B 58 -1.01 -18.65 11.50
N GLY B 59 -0.14 -18.18 12.39
CA GLY B 59 0.10 -18.85 13.66
C GLY B 59 -1.16 -18.94 14.51
N ALA B 60 -1.95 -17.85 14.54
CA ALA B 60 -3.11 -17.78 15.41
C ALA B 60 -4.18 -18.79 14.95
N LEU B 61 -4.46 -18.82 13.64
CA LEU B 61 -5.44 -19.75 13.10
C LEU B 61 -5.00 -21.19 13.34
N ASN B 62 -3.70 -21.46 13.12
CA ASN B 62 -3.16 -22.80 13.34
C ASN B 62 -3.34 -23.20 14.80
N ALA B 63 -3.00 -22.29 15.73
CA ALA B 63 -3.08 -22.63 17.14
C ALA B 63 -4.54 -22.90 17.55
N VAL B 64 -5.46 -22.05 17.09
CA VAL B 64 -6.85 -22.18 17.49
C VAL B 64 -7.41 -23.49 16.93
N ARG B 65 -7.05 -23.80 15.68
CA ARG B 65 -7.55 -25.02 15.04
C ARG B 65 -6.90 -26.26 15.64
N SER B 66 -5.66 -26.12 16.13
CA SER B 66 -4.93 -27.21 16.75
C SER B 66 -5.41 -27.45 18.18
N LEU B 67 -5.87 -26.37 18.83
CA LEU B 67 -6.04 -26.41 20.28
C LEU B 67 -7.51 -26.31 20.67
N VAL B 68 -8.43 -26.18 19.71
CA VAL B 68 -9.84 -26.30 20.01
C VAL B 68 -10.12 -27.70 20.58
N PRO B 69 -9.67 -28.81 19.95
CA PRO B 69 -9.89 -30.15 20.47
C PRO B 69 -9.46 -30.34 21.94
N LYS B 75 -14.33 -26.74 23.88
CA LYS B 75 -13.83 -25.36 23.72
C LYS B 75 -13.47 -24.78 25.08
N PRO B 76 -12.30 -24.09 25.21
CA PRO B 76 -11.92 -23.44 26.46
C PRO B 76 -12.80 -22.22 26.75
N LYS B 77 -12.77 -21.76 28.00
CA LYS B 77 -13.52 -20.59 28.43
C LYS B 77 -13.01 -19.34 27.73
N ALA B 78 -11.72 -19.36 27.32
CA ALA B 78 -11.06 -18.19 26.73
C ALA B 78 -9.71 -18.56 26.14
N VAL B 79 -9.23 -17.75 25.18
CA VAL B 79 -7.82 -17.79 24.81
C VAL B 79 -7.13 -16.57 25.38
N VAL B 80 -5.87 -16.74 25.78
CA VAL B 80 -5.07 -15.68 26.37
C VAL B 80 -3.74 -15.60 25.63
N THR B 81 -3.16 -14.38 25.53
CA THR B 81 -1.79 -14.22 25.07
C THR B 81 -1.24 -12.89 25.58
N HIS B 82 0.06 -12.66 25.31
CA HIS B 82 0.63 -11.33 25.40
C HIS B 82 1.10 -10.94 24.00
N SER B 83 1.03 -9.65 23.69
CA SER B 83 1.30 -9.22 22.32
C SER B 83 1.59 -7.73 22.31
N SER B 84 2.49 -7.30 21.42
CA SER B 84 2.61 -5.88 21.13
C SER B 84 1.46 -5.39 20.26
N GLY B 85 0.65 -6.33 19.73
CA GLY B 85 -0.57 -5.92 19.05
C GLY B 85 -0.97 -6.88 17.94
N ASN B 86 0.01 -7.30 17.13
CA ASN B 86 -0.34 -8.07 15.93
C ASN B 86 -0.83 -9.48 16.25
N HIS B 87 -0.10 -10.22 17.10
CA HIS B 87 -0.56 -11.54 17.52
C HIS B 87 -1.88 -11.43 18.29
N GLY B 88 -2.01 -10.36 19.08
CA GLY B 88 -3.22 -10.08 19.84
C GLY B 88 -4.47 -10.00 18.95
N GLN B 89 -4.39 -9.19 17.88
N GLN B 89 -4.39 -9.23 17.87
CA GLN B 89 -5.50 -9.02 16.96
CA GLN B 89 -5.58 -9.07 17.05
C GLN B 89 -5.79 -10.34 16.24
C GLN B 89 -5.82 -10.31 16.17
N ALA B 90 -4.72 -11.01 15.77
CA ALA B 90 -4.86 -12.23 15.00
C ALA B 90 -5.54 -13.33 15.83
N LEU B 91 -5.11 -13.48 17.08
CA LEU B 91 -5.66 -14.48 17.98
C LEU B 91 -7.11 -14.14 18.28
N THR B 92 -7.42 -12.84 18.49
CA THR B 92 -8.79 -12.43 18.74
C THR B 92 -9.70 -12.80 17.58
N TYR B 93 -9.22 -12.53 16.34
CA TYR B 93 -9.98 -12.86 15.16
C TYR B 93 -10.18 -14.36 15.06
N ALA B 94 -9.10 -15.13 15.23
CA ALA B 94 -9.16 -16.58 15.08
C ALA B 94 -10.13 -17.16 16.11
N ALA B 95 -10.08 -16.63 17.34
CA ALA B 95 -10.92 -17.09 18.44
C ALA B 95 -12.39 -16.74 18.20
N LYS B 96 -12.63 -15.54 17.67
N LYS B 96 -12.63 -15.54 17.67
CA LYS B 96 -13.97 -15.07 17.38
CA LYS B 96 -14.00 -15.12 17.42
C LYS B 96 -14.67 -15.99 16.38
C LYS B 96 -14.67 -16.02 16.39
N LEU B 97 -13.92 -16.51 15.40
CA LEU B 97 -14.46 -17.45 14.44
C LEU B 97 -15.05 -18.67 15.14
N GLU B 98 -14.53 -19.02 16.32
CA GLU B 98 -14.96 -20.21 17.05
C GLU B 98 -15.82 -19.84 18.26
N GLY B 99 -16.17 -18.56 18.40
CA GLY B 99 -17.04 -18.12 19.47
C GLY B 99 -16.36 -18.13 20.85
N ILE B 100 -15.03 -17.97 20.86
CA ILE B 100 -14.27 -18.06 22.10
C ILE B 100 -13.81 -16.66 22.50
N PRO B 101 -14.10 -16.22 23.75
CA PRO B 101 -13.55 -14.97 24.28
C PRO B 101 -12.02 -14.91 24.25
N ALA B 102 -11.47 -13.69 24.09
CA ALA B 102 -10.04 -13.48 24.07
C ALA B 102 -9.62 -12.45 25.12
N TYR B 103 -8.51 -12.74 25.79
CA TYR B 103 -7.88 -11.78 26.71
C TYR B 103 -6.47 -11.54 26.21
N ILE B 104 -6.15 -10.25 25.88
CA ILE B 104 -4.82 -9.94 25.38
C ILE B 104 -4.06 -9.04 26.37
N VAL B 105 -2.88 -9.52 26.79
CA VAL B 105 -1.97 -8.76 27.63
C VAL B 105 -1.05 -7.94 26.72
N VAL B 106 -1.03 -6.62 26.89
CA VAL B 106 -0.35 -5.74 25.96
C VAL B 106 0.51 -4.76 26.75
N PRO B 107 1.79 -4.58 26.37
CA PRO B 107 2.62 -3.54 26.99
C PRO B 107 1.98 -2.16 26.89
N GLN B 108 2.12 -1.38 27.99
CA GLN B 108 1.60 -0.03 28.09
C GLN B 108 2.04 0.81 26.89
N THR B 109 3.24 0.53 26.36
CA THR B 109 3.86 1.41 25.37
C THR B 109 3.59 0.94 23.94
N ALA B 110 2.69 -0.05 23.77
CA ALA B 110 2.27 -0.51 22.46
C ALA B 110 1.57 0.62 21.70
N PRO B 111 1.60 0.62 20.34
CA PRO B 111 0.91 1.67 19.57
C PRO B 111 -0.60 1.62 19.76
N ASP B 112 -1.20 2.82 19.78
CA ASP B 112 -2.62 2.98 20.03
C ASP B 112 -3.45 2.27 18.96
N CYS B 113 -2.97 2.30 17.71
CA CYS B 113 -3.68 1.67 16.62
C CYS B 113 -3.86 0.17 16.87
N LYS B 114 -2.83 -0.43 17.49
CA LYS B 114 -2.92 -1.83 17.82
C LYS B 114 -3.83 -2.02 19.04
N LYS B 115 -3.71 -1.14 20.03
CA LYS B 115 -4.56 -1.29 21.22
C LYS B 115 -6.03 -1.22 20.81
N LEU B 116 -6.34 -0.33 19.85
CA LEU B 116 -7.73 -0.07 19.51
C LEU B 116 -8.26 -1.19 18.63
N ALA B 117 -7.42 -1.76 17.75
CA ALA B 117 -7.89 -2.83 16.90
C ALA B 117 -8.23 -4.08 17.72
N ILE B 118 -7.40 -4.37 18.72
CA ILE B 118 -7.65 -5.52 19.58
C ILE B 118 -9.04 -5.34 20.20
N GLN B 119 -9.33 -4.12 20.66
CA GLN B 119 -10.62 -3.86 21.30
C GLN B 119 -11.75 -3.96 20.28
N ALA B 120 -11.51 -3.46 19.06
CA ALA B 120 -12.49 -3.50 17.99
C ALA B 120 -12.83 -4.94 17.59
N TYR B 121 -11.86 -5.86 17.64
CA TYR B 121 -12.16 -7.24 17.30
C TYR B 121 -12.86 -7.95 18.46
N GLY B 122 -13.00 -7.25 19.59
CA GLY B 122 -13.87 -7.67 20.67
C GLY B 122 -13.13 -8.32 21.86
N ALA B 123 -11.81 -8.23 21.94
CA ALA B 123 -11.10 -8.85 23.06
C ALA B 123 -11.16 -7.94 24.29
N SER B 124 -10.89 -8.54 25.46
CA SER B 124 -10.47 -7.78 26.63
C SER B 124 -8.98 -7.48 26.58
N ILE B 125 -8.59 -6.24 26.86
CA ILE B 125 -7.18 -5.88 26.87
C ILE B 125 -6.73 -5.66 28.31
N VAL B 126 -5.55 -6.21 28.61
CA VAL B 126 -4.95 -6.00 29.92
C VAL B 126 -3.54 -5.46 29.72
N TYR B 127 -3.30 -4.23 30.15
CA TYR B 127 -1.99 -3.65 29.91
C TYR B 127 -0.99 -4.23 30.90
N CYS B 128 0.25 -4.42 30.44
CA CYS B 128 1.33 -4.86 31.31
C CYS B 128 2.51 -3.90 31.19
N GLU B 129 3.53 -4.10 32.01
CA GLU B 129 4.75 -3.32 31.84
C GLU B 129 5.49 -3.79 30.58
N PRO B 130 6.22 -2.87 29.92
CA PRO B 130 6.93 -3.22 28.68
C PRO B 130 8.21 -4.01 28.93
N SER B 131 8.09 -5.27 29.31
CA SER B 131 9.22 -6.16 29.48
C SER B 131 8.80 -7.58 29.13
N ASP B 132 9.75 -8.42 28.69
CA ASP B 132 9.52 -9.85 28.50
C ASP B 132 8.89 -10.45 29.78
N GLU B 133 9.48 -10.14 30.94
N GLU B 133 9.47 -10.14 30.94
CA GLU B 133 9.08 -10.73 32.20
CA GLU B 133 9.06 -10.77 32.19
C GLU B 133 7.63 -10.37 32.53
C GLU B 133 7.63 -10.37 32.55
N SER B 134 7.28 -9.09 32.35
CA SER B 134 5.93 -8.63 32.66
C SER B 134 4.93 -9.27 31.70
N ARG B 135 5.27 -9.32 30.41
CA ARG B 135 4.37 -9.97 29.47
C ARG B 135 4.11 -11.41 29.90
N GLU B 136 5.18 -12.17 30.20
CA GLU B 136 5.04 -13.60 30.46
C GLU B 136 4.25 -13.83 31.76
N ASN B 137 4.61 -13.07 32.79
CA ASN B 137 4.01 -13.23 34.12
C ASN B 137 2.52 -12.85 34.08
N VAL B 138 2.20 -11.69 33.49
CA VAL B 138 0.81 -11.25 33.50
C VAL B 138 -0.04 -12.20 32.65
N ALA B 139 0.51 -12.66 31.52
CA ALA B 139 -0.24 -13.61 30.71
C ALA B 139 -0.52 -14.91 31.49
N LYS B 140 0.47 -15.37 32.26
N LYS B 140 0.46 -15.38 32.28
CA LYS B 140 0.31 -16.54 33.11
CA LYS B 140 0.25 -16.58 33.07
C LYS B 140 -0.87 -16.33 34.07
C LYS B 140 -0.89 -16.36 34.07
N ARG B 141 -0.90 -15.16 34.74
N ARG B 141 -0.91 -15.19 34.71
CA ARG B 141 -1.91 -14.90 35.76
CA ARG B 141 -1.90 -14.92 35.75
C ARG B 141 -3.29 -14.80 35.14
C ARG B 141 -3.30 -14.79 35.15
N VAL B 142 -3.38 -14.15 33.97
CA VAL B 142 -4.66 -13.97 33.30
C VAL B 142 -5.19 -15.34 32.84
N THR B 143 -4.29 -16.22 32.39
CA THR B 143 -4.65 -17.56 31.96
C THR B 143 -5.30 -18.33 33.13
N GLU B 144 -4.65 -18.24 34.29
CA GLU B 144 -5.09 -18.88 35.52
C GLU B 144 -6.43 -18.30 35.96
N GLU B 145 -6.54 -16.96 35.97
CA GLU B 145 -7.76 -16.30 36.41
C GLU B 145 -8.95 -16.65 35.50
N THR B 146 -8.70 -16.81 34.20
CA THR B 146 -9.82 -16.98 33.29
C THR B 146 -10.07 -18.46 33.02
N GLU B 147 -9.17 -19.32 33.51
CA GLU B 147 -9.15 -20.74 33.16
C GLU B 147 -9.03 -20.91 31.65
N GLY B 148 -8.30 -19.99 31.00
CA GLY B 148 -8.18 -19.97 29.55
C GLY B 148 -7.05 -20.89 29.09
N ILE B 149 -6.78 -20.85 27.78
CA ILE B 149 -5.62 -21.49 27.17
C ILE B 149 -4.70 -20.38 26.67
N MET B 150 -3.43 -20.48 27.07
CA MET B 150 -2.39 -19.54 26.68
C MET B 150 -1.86 -19.93 25.28
N VAL B 151 -1.85 -18.96 24.35
CA VAL B 151 -1.30 -19.16 23.01
C VAL B 151 -0.14 -18.17 22.82
N HIS B 152 1.08 -18.66 23.06
CA HIS B 152 2.26 -17.81 23.07
C HIS B 152 2.48 -17.22 21.68
N PRO B 153 2.90 -15.92 21.58
CA PRO B 153 3.08 -15.28 20.28
C PRO B 153 4.22 -15.82 19.43
N ASN B 154 5.17 -16.55 20.03
CA ASN B 154 6.34 -16.95 19.25
C ASN B 154 6.96 -18.27 19.70
N GLN B 155 6.62 -18.80 20.88
CA GLN B 155 7.26 -20.03 21.36
C GLN B 155 6.33 -21.24 21.24
N GLU B 156 5.04 -21.02 20.97
CA GLU B 156 4.09 -22.12 20.84
C GLU B 156 4.32 -22.85 19.53
N PRO B 157 4.60 -24.18 19.53
CA PRO B 157 4.85 -24.91 18.29
C PRO B 157 3.80 -24.71 17.19
N ALA B 158 2.50 -24.74 17.52
CA ALA B 158 1.51 -24.56 16.46
C ALA B 158 1.64 -23.17 15.84
N VAL B 159 2.06 -22.19 16.64
CA VAL B 159 2.24 -20.83 16.16
C VAL B 159 3.46 -20.77 15.23
N ILE B 160 4.58 -21.37 15.67
CA ILE B 160 5.78 -21.39 14.85
C ILE B 160 5.46 -22.03 13.49
N ALA B 161 4.76 -23.18 13.53
CA ALA B 161 4.43 -23.94 12.32
C ALA B 161 3.58 -23.10 11.36
N GLY B 162 2.61 -22.36 11.93
CA GLY B 162 1.78 -21.53 11.08
C GLY B 162 2.61 -20.46 10.37
N GLN B 163 3.53 -19.83 11.11
CA GLN B 163 4.29 -18.72 10.54
C GLN B 163 5.14 -19.28 9.40
N GLY B 164 5.60 -20.52 9.54
CA GLY B 164 6.49 -21.08 8.52
C GLY B 164 5.79 -21.26 7.18
N THR B 165 4.46 -21.20 7.17
CA THR B 165 3.72 -21.33 5.91
C THR B 165 4.03 -20.18 4.94
N ILE B 166 4.55 -19.04 5.44
CA ILE B 166 5.01 -17.98 4.55
C ILE B 166 6.00 -18.54 3.53
N ALA B 167 6.96 -19.33 4.03
CA ALA B 167 8.02 -19.87 3.19
C ALA B 167 7.49 -20.88 2.15
N LEU B 168 6.45 -21.65 2.49
N LEU B 168 6.46 -21.65 2.51
CA LEU B 168 5.84 -22.55 1.52
CA LEU B 168 5.81 -22.54 1.54
C LEU B 168 5.37 -21.74 0.31
C LEU B 168 5.37 -21.75 0.32
N GLU B 169 4.74 -20.59 0.58
CA GLU B 169 4.23 -19.73 -0.47
C GLU B 169 5.39 -19.10 -1.23
N VAL B 170 6.34 -18.52 -0.51
CA VAL B 170 7.48 -17.85 -1.15
C VAL B 170 8.22 -18.81 -2.09
N LEU B 171 8.43 -20.06 -1.64
CA LEU B 171 9.22 -20.98 -2.46
C LEU B 171 8.46 -21.39 -3.73
N ASN B 172 7.13 -21.26 -3.74
N ASN B 172 7.13 -21.27 -3.71
CA ASN B 172 6.37 -21.51 -4.95
CA ASN B 172 6.30 -21.50 -4.87
C ASN B 172 6.31 -20.27 -5.84
C ASN B 172 6.34 -20.28 -5.80
N GLN B 173 6.21 -19.09 -5.21
CA GLN B 173 6.04 -17.86 -5.95
C GLN B 173 7.36 -17.36 -6.52
N VAL B 174 8.47 -17.65 -5.82
CA VAL B 174 9.79 -17.15 -6.19
C VAL B 174 10.72 -18.36 -6.16
N PRO B 175 10.55 -19.31 -7.12
CA PRO B 175 11.21 -20.62 -7.01
C PRO B 175 12.73 -20.61 -7.04
N LEU B 176 13.32 -19.57 -7.67
CA LEU B 176 14.76 -19.51 -7.72
C LEU B 176 15.32 -18.43 -6.81
N VAL B 177 14.58 -18.16 -5.71
CA VAL B 177 15.06 -17.21 -4.72
C VAL B 177 16.42 -17.67 -4.21
N ASP B 178 17.31 -16.72 -3.93
CA ASP B 178 18.64 -17.01 -3.40
C ASP B 178 18.66 -16.82 -1.87
N ALA B 179 17.80 -15.91 -1.36
CA ALA B 179 17.77 -15.67 0.08
C ALA B 179 16.42 -15.10 0.50
N LEU B 180 15.98 -15.45 1.72
CA LEU B 180 14.87 -14.76 2.37
C LEU B 180 15.44 -13.89 3.49
N VAL B 181 14.87 -12.70 3.66
CA VAL B 181 15.21 -11.77 4.72
C VAL B 181 13.96 -11.58 5.57
N VAL B 182 14.12 -11.81 6.88
CA VAL B 182 13.00 -11.97 7.79
C VAL B 182 13.24 -11.13 9.04
N PRO B 183 12.36 -10.20 9.41
CA PRO B 183 12.54 -9.47 10.66
C PRO B 183 12.36 -10.45 11.82
N VAL B 184 13.17 -10.29 12.89
CA VAL B 184 13.08 -11.19 14.02
C VAL B 184 12.78 -10.39 15.29
N GLY B 185 11.82 -10.93 16.04
CA GLY B 185 11.50 -10.54 17.41
C GLY B 185 11.67 -11.74 18.33
N GLY B 186 10.56 -12.44 18.62
CA GLY B 186 10.65 -13.67 19.40
C GLY B 186 11.19 -14.86 18.60
N GLY B 187 11.21 -14.75 17.27
CA GLY B 187 11.82 -15.78 16.45
C GLY B 187 10.84 -16.82 15.93
N GLY B 188 9.54 -16.59 16.11
CA GLY B 188 8.53 -17.54 15.65
C GLY B 188 8.50 -17.62 14.13
N MET B 189 8.41 -16.45 13.48
CA MET B 189 8.42 -16.45 12.03
C MET B 189 9.79 -16.91 11.51
N LEU B 190 10.88 -16.34 12.07
CA LEU B 190 12.21 -16.72 11.61
C LEU B 190 12.40 -18.24 11.69
N ALA B 191 12.02 -18.83 12.83
CA ALA B 191 12.25 -20.26 13.03
C ALA B 191 11.38 -21.11 12.11
N GLY B 192 10.12 -20.73 11.92
CA GLY B 192 9.22 -21.46 11.04
C GLY B 192 9.70 -21.42 9.59
N ILE B 193 10.18 -20.24 9.16
CA ILE B 193 10.72 -20.06 7.81
C ILE B 193 12.00 -20.88 7.68
N ALA B 194 12.89 -20.79 8.69
CA ALA B 194 14.17 -21.51 8.62
C ALA B 194 13.94 -23.02 8.45
N ILE B 195 13.03 -23.57 9.27
CA ILE B 195 12.68 -24.99 9.19
C ILE B 195 12.22 -25.36 7.77
N THR B 196 11.33 -24.54 7.18
CA THR B 196 10.71 -24.84 5.90
C THR B 196 11.74 -24.73 4.77
N VAL B 197 12.52 -23.63 4.78
CA VAL B 197 13.50 -23.40 3.73
C VAL B 197 14.58 -24.48 3.73
N LYS B 198 15.10 -24.78 4.92
CA LYS B 198 16.24 -25.69 4.97
C LYS B 198 15.76 -27.11 4.68
N ALA B 199 14.45 -27.38 4.86
CA ALA B 199 13.93 -28.70 4.52
C ALA B 199 13.74 -28.83 3.02
N LEU B 200 13.19 -27.80 2.38
CA LEU B 200 12.84 -27.90 0.97
C LEU B 200 14.01 -27.52 0.06
N LYS B 201 14.72 -26.42 0.36
CA LYS B 201 15.74 -25.90 -0.53
C LYS B 201 16.92 -25.36 0.28
N PRO B 202 17.73 -26.26 0.90
CA PRO B 202 18.75 -25.82 1.86
C PRO B 202 19.86 -24.90 1.35
N SER B 203 20.02 -24.80 0.02
CA SER B 203 20.99 -23.86 -0.52
C SER B 203 20.47 -22.42 -0.50
N VAL B 204 19.17 -22.21 -0.19
CA VAL B 204 18.62 -20.85 -0.09
C VAL B 204 19.04 -20.29 1.27
N LYS B 205 19.60 -19.07 1.30
N LYS B 205 19.60 -19.07 1.30
CA LYS B 205 20.01 -18.43 2.55
CA LYS B 205 19.99 -18.41 2.55
C LYS B 205 18.76 -17.97 3.32
C LYS B 205 18.76 -17.97 3.32
N VAL B 206 18.81 -18.10 4.65
CA VAL B 206 17.81 -17.48 5.52
C VAL B 206 18.56 -16.45 6.36
N TYR B 207 18.25 -15.15 6.16
CA TYR B 207 18.87 -14.06 6.89
C TYR B 207 17.82 -13.40 7.78
N ALA B 208 18.19 -13.11 9.03
CA ALA B 208 17.33 -12.33 9.93
C ALA B 208 17.73 -10.85 9.87
N ALA B 209 16.75 -9.98 10.12
CA ALA B 209 16.97 -8.55 10.19
C ALA B 209 16.47 -8.13 11.56
N GLU B 210 17.26 -7.31 12.27
CA GLU B 210 16.95 -7.02 13.67
C GLU B 210 17.34 -5.59 14.03
N PRO B 211 16.50 -4.85 14.78
CA PRO B 211 16.91 -3.51 15.25
C PRO B 211 18.10 -3.65 16.20
N SER B 212 19.08 -2.80 15.98
CA SER B 212 20.17 -2.64 16.95
C SER B 212 19.63 -2.30 18.33
N ASN B 213 18.52 -1.57 18.41
CA ASN B 213 17.93 -1.21 19.71
C ASN B 213 17.14 -2.37 20.33
N ALA B 214 17.16 -3.55 19.70
CA ALA B 214 16.54 -4.70 20.34
C ALA B 214 17.27 -5.96 19.87
N ASP B 215 18.60 -5.97 20.06
CA ASP B 215 19.52 -6.81 19.28
C ASP B 215 19.92 -8.13 19.95
N ASP B 216 19.01 -8.71 20.75
CA ASP B 216 19.26 -9.98 21.43
C ASP B 216 19.53 -11.12 20.45
N CYS B 217 18.85 -11.13 19.30
CA CYS B 217 19.04 -12.27 18.41
C CYS B 217 20.45 -12.26 17.84
N TYR B 218 20.93 -11.07 17.47
N TYR B 218 20.92 -11.06 17.49
CA TYR B 218 22.27 -10.91 16.94
CA TYR B 218 22.26 -10.88 16.95
C TYR B 218 23.32 -11.26 18.00
C TYR B 218 23.30 -11.27 17.99
N GLN B 219 23.13 -10.74 19.22
CA GLN B 219 24.05 -11.00 20.33
C GLN B 219 24.08 -12.49 20.66
N SER B 220 22.89 -13.14 20.62
CA SER B 220 22.79 -14.57 20.87
C SER B 220 23.66 -15.35 19.89
N LYS B 221 23.50 -15.04 18.60
N LYS B 221 23.51 -15.05 18.60
CA LYS B 221 24.19 -15.76 17.54
CA LYS B 221 24.22 -15.79 17.57
C LYS B 221 25.68 -15.47 17.65
C LYS B 221 25.71 -15.48 17.67
N LEU B 222 26.04 -14.23 18.00
CA LEU B 222 27.42 -13.81 18.11
C LEU B 222 28.11 -14.58 19.23
N LYS B 223 27.38 -14.79 20.34
N LYS B 223 27.40 -14.77 20.35
CA LYS B 223 27.96 -15.34 21.56
CA LYS B 223 27.98 -15.34 21.55
C LYS B 223 27.68 -16.83 21.66
C LYS B 223 27.75 -16.85 21.60
N GLY B 224 26.80 -17.36 20.80
CA GLY B 224 26.48 -18.78 20.76
C GLY B 224 25.66 -19.29 21.95
N LYS B 225 24.95 -18.39 22.63
N LYS B 225 24.97 -18.39 22.66
CA LYS B 225 24.01 -18.74 23.70
CA LYS B 225 24.00 -18.76 23.68
C LYS B 225 22.89 -17.71 23.71
C LYS B 225 22.89 -17.71 23.71
N LEU B 226 21.77 -18.06 24.36
CA LEU B 226 20.61 -17.18 24.41
C LEU B 226 20.94 -16.00 25.32
N MET B 227 20.92 -14.79 24.75
CA MET B 227 21.25 -13.56 25.46
C MET B 227 20.05 -12.61 25.36
N PRO B 228 19.03 -12.71 26.24
N PRO B 228 19.08 -12.65 26.30
CA PRO B 228 17.85 -11.84 26.17
CA PRO B 228 17.87 -11.83 26.18
C PRO B 228 18.20 -10.36 26.31
C PRO B 228 18.20 -10.35 26.32
N ASN B 229 17.30 -9.48 25.85
CA ASN B 229 17.46 -8.05 26.04
C ASN B 229 17.52 -7.74 27.54
N LEU B 230 18.54 -6.98 27.98
CA LEU B 230 18.64 -6.71 29.41
C LEU B 230 17.72 -5.58 29.84
N TYR B 231 17.55 -4.56 28.99
CA TYR B 231 16.62 -3.49 29.32
C TYR B 231 15.43 -3.57 28.37
N PRO B 232 14.26 -3.01 28.76
CA PRO B 232 13.12 -2.94 27.85
C PRO B 232 13.58 -2.21 26.60
N PRO B 233 13.51 -2.81 25.38
CA PRO B 233 13.92 -2.08 24.18
C PRO B 233 13.07 -0.86 23.89
N GLU B 234 13.73 0.16 23.35
CA GLU B 234 13.05 1.34 22.83
C GLU B 234 13.37 1.42 21.34
N THR B 235 12.36 1.13 20.53
CA THR B 235 12.55 1.11 19.09
C THR B 235 11.23 1.38 18.38
N ILE B 236 11.31 2.02 17.21
N ILE B 236 11.27 2.04 17.21
CA ILE B 236 10.15 2.29 16.38
CA ILE B 236 10.04 2.25 16.46
C ILE B 236 9.60 0.95 15.85
C ILE B 236 9.58 0.94 15.84
N ALA B 237 10.45 -0.08 15.85
CA ALA B 237 10.07 -1.39 15.37
C ALA B 237 9.33 -2.12 16.49
N ASP B 238 8.10 -1.67 16.75
CA ASP B 238 7.42 -2.00 18.00
C ASP B 238 7.04 -3.47 18.08
N GLY B 239 7.02 -4.17 16.95
CA GLY B 239 6.60 -5.57 16.95
C GLY B 239 7.74 -6.58 17.18
N VAL B 240 9.00 -6.12 17.31
CA VAL B 240 10.13 -7.00 17.51
C VAL B 240 10.92 -6.63 18.76
N LYS B 241 10.20 -6.18 19.80
CA LYS B 241 10.85 -5.93 21.08
C LYS B 241 11.04 -7.21 21.90
N SER B 242 10.28 -8.29 21.61
CA SER B 242 10.41 -9.54 22.34
C SER B 242 11.81 -10.13 22.16
N SER B 243 12.36 -10.69 23.24
CA SER B 243 13.55 -11.52 23.14
C SER B 243 13.20 -12.85 22.47
N ILE B 244 14.18 -13.45 21.77
CA ILE B 244 14.01 -14.83 21.34
C ILE B 244 13.90 -15.73 22.58
N GLY B 245 13.34 -16.91 22.38
CA GLY B 245 12.97 -17.81 23.46
C GLY B 245 13.60 -19.20 23.30
N LEU B 246 13.25 -20.09 24.24
CA LEU B 246 13.95 -21.36 24.36
C LEU B 246 13.59 -22.32 23.22
N ASN B 247 12.39 -22.18 22.64
CA ASN B 247 11.98 -23.01 21.51
C ASN B 247 12.51 -22.51 20.17
N THR B 248 12.69 -21.19 20.01
CA THR B 248 13.11 -20.69 18.71
C THR B 248 14.64 -20.58 18.61
N TRP B 249 15.30 -20.30 19.73
CA TRP B 249 16.75 -20.16 19.75
C TRP B 249 17.51 -21.32 19.07
N PRO B 250 17.26 -22.61 19.37
CA PRO B 250 18.02 -23.70 18.73
C PRO B 250 17.84 -23.74 17.22
N ILE B 251 16.62 -23.42 16.74
CA ILE B 251 16.40 -23.40 15.29
C ILE B 251 17.25 -22.28 14.70
N ILE B 252 17.25 -21.12 15.35
CA ILE B 252 17.93 -19.95 14.82
C ILE B 252 19.44 -20.19 14.85
N ARG B 253 19.92 -20.81 15.93
CA ARG B 253 21.33 -21.08 16.16
C ARG B 253 21.84 -21.93 14.99
N ASP B 254 21.05 -22.91 14.56
CA ASP B 254 21.55 -23.95 13.69
C ASP B 254 21.22 -23.69 12.22
N LEU B 255 20.11 -22.98 11.94
CA LEU B 255 19.56 -22.98 10.59
C LEU B 255 19.56 -21.59 9.96
N VAL B 256 19.83 -20.54 10.74
CA VAL B 256 19.81 -19.20 10.18
C VAL B 256 21.24 -18.82 9.82
N ASP B 257 21.41 -18.36 8.58
CA ASP B 257 22.72 -18.10 8.00
C ASP B 257 23.42 -16.88 8.59
N ASP B 258 22.68 -15.78 8.79
CA ASP B 258 23.32 -14.55 9.25
C ASP B 258 22.24 -13.64 9.82
N ILE B 259 22.63 -12.69 10.68
N ILE B 259 22.63 -12.69 10.66
CA ILE B 259 21.72 -11.71 11.27
CA ILE B 259 21.70 -11.72 11.22
C ILE B 259 22.29 -10.34 10.97
C ILE B 259 22.27 -10.33 10.99
N PHE B 260 21.44 -9.44 10.44
CA PHE B 260 21.87 -8.08 10.15
C PHE B 260 21.13 -7.13 11.09
N THR B 261 21.89 -6.28 11.79
CA THR B 261 21.28 -5.29 12.67
C THR B 261 21.15 -3.99 11.90
N VAL B 262 20.08 -3.22 12.24
CA VAL B 262 19.78 -1.95 11.60
C VAL B 262 19.41 -0.93 12.69
N THR B 263 19.85 0.32 12.51
CA THR B 263 19.59 1.38 13.46
C THR B 263 18.20 1.98 13.24
N GLU B 264 17.72 2.72 14.25
CA GLU B 264 16.42 3.38 14.17
C GLU B 264 16.33 4.23 12.91
N ASP B 265 17.39 4.99 12.63
CA ASP B 265 17.38 5.86 11.46
C ASP B 265 17.28 5.04 10.18
N GLU B 266 17.98 3.90 10.12
CA GLU B 266 17.89 3.08 8.92
C GLU B 266 16.48 2.52 8.75
N ILE B 267 15.85 2.14 9.86
CA ILE B 267 14.50 1.61 9.81
C ILE B 267 13.56 2.68 9.28
N LYS B 268 13.69 3.91 9.82
CA LYS B 268 12.80 4.98 9.40
C LYS B 268 12.94 5.27 7.90
N CYS B 269 14.19 5.34 7.43
N CYS B 269 14.19 5.34 7.43
CA CYS B 269 14.50 5.65 6.03
CA CYS B 269 14.50 5.63 6.03
C CYS B 269 13.92 4.57 5.11
C CYS B 269 13.90 4.56 5.12
N ALA B 270 14.12 3.29 5.45
CA ALA B 270 13.63 2.18 4.63
C ALA B 270 12.10 2.12 4.66
N THR B 271 11.50 2.39 5.82
CA THR B 271 10.03 2.38 5.90
C THR B 271 9.44 3.45 4.97
N GLN B 272 9.99 4.68 5.04
N GLN B 272 10.03 4.66 5.00
CA GLN B 272 9.48 5.75 4.20
CA GLN B 272 9.52 5.78 4.22
C GLN B 272 9.68 5.43 2.72
C GLN B 272 9.75 5.56 2.73
N LEU B 273 10.81 4.81 2.40
CA LEU B 273 11.12 4.46 1.02
C LEU B 273 10.06 3.49 0.48
N VAL B 274 9.68 2.48 1.27
CA VAL B 274 8.64 1.58 0.81
C VAL B 274 7.32 2.32 0.64
N TRP B 275 7.00 3.17 1.61
CA TRP B 275 5.78 3.97 1.49
C TRP B 275 5.73 4.76 0.17
N GLU B 276 6.82 5.49 -0.12
N GLU B 276 6.78 5.54 -0.08
CA GLU B 276 6.83 6.44 -1.21
CA GLU B 276 6.78 6.57 -1.12
C GLU B 276 7.06 5.74 -2.55
C GLU B 276 6.95 5.92 -2.50
N ARG B 277 7.91 4.71 -2.59
N ARG B 277 7.75 4.84 -2.57
CA ARG B 277 8.24 4.13 -3.87
CA ARG B 277 8.09 4.25 -3.85
C ARG B 277 7.24 3.05 -4.26
C ARG B 277 7.13 3.14 -4.25
N MET B 278 6.66 2.34 -3.28
CA MET B 278 5.84 1.17 -3.56
C MET B 278 4.38 1.34 -3.16
N LYS B 279 4.07 2.36 -2.35
CA LYS B 279 2.71 2.71 -1.93
C LYS B 279 2.12 1.64 -1.02
N LEU B 280 2.99 0.86 -0.38
CA LEU B 280 2.53 -0.16 0.56
C LEU B 280 2.72 0.38 1.98
N LEU B 281 1.62 0.45 2.75
CA LEU B 281 1.69 1.04 4.07
C LEU B 281 2.20 0.02 5.09
N ILE B 282 3.50 -0.31 5.01
CA ILE B 282 4.12 -1.20 5.98
C ILE B 282 4.27 -0.49 7.34
N GLU B 283 4.21 -1.27 8.41
CA GLU B 283 4.58 -0.71 9.70
C GLU B 283 6.10 -0.73 9.81
N PRO B 284 6.70 0.10 10.67
CA PRO B 284 8.17 0.18 10.75
C PRO B 284 8.87 -1.14 11.04
N THR B 285 8.22 -2.03 11.82
CA THR B 285 8.79 -3.35 12.02
C THR B 285 9.02 -4.06 10.68
N ALA B 286 8.09 -3.97 9.72
CA ALA B 286 8.27 -4.54 8.39
C ALA B 286 9.35 -3.79 7.60
N GLY B 287 9.71 -2.56 7.98
CA GLY B 287 10.81 -1.84 7.38
C GLY B 287 12.19 -2.42 7.75
N VAL B 288 12.24 -3.23 8.83
CA VAL B 288 13.50 -3.74 9.36
C VAL B 288 14.22 -4.58 8.30
N GLY B 289 13.44 -5.42 7.57
CA GLY B 289 14.03 -6.30 6.55
C GLY B 289 14.56 -5.51 5.35
N VAL B 290 13.81 -4.48 4.98
CA VAL B 290 14.23 -3.62 3.88
C VAL B 290 15.52 -2.89 4.27
N ALA B 291 15.58 -2.33 5.48
CA ALA B 291 16.77 -1.62 5.94
C ALA B 291 17.98 -2.54 5.97
N ALA B 292 17.76 -3.82 6.29
CA ALA B 292 18.88 -4.76 6.32
C ALA B 292 19.51 -4.87 4.94
N VAL B 293 18.69 -4.99 3.89
CA VAL B 293 19.29 -5.17 2.56
CA VAL B 293 19.25 -5.16 2.54
C VAL B 293 19.96 -3.88 2.10
N LEU B 294 19.54 -2.74 2.64
CA LEU B 294 20.18 -1.48 2.27
C LEU B 294 21.41 -1.18 3.13
N SER B 295 21.66 -1.98 4.16
CA SER B 295 22.66 -1.63 5.18
C SER B 295 24.08 -1.89 4.66
N GLN B 296 25.05 -1.18 5.26
N GLN B 296 25.04 -1.18 5.26
N GLN B 296 25.04 -1.19 5.27
CA GLN B 296 26.45 -1.33 4.90
CA GLN B 296 26.45 -1.33 4.91
CA GLN B 296 26.45 -1.33 4.92
C GLN B 296 26.86 -2.81 5.01
C GLN B 296 26.86 -2.80 5.02
C GLN B 296 26.86 -2.79 5.01
N HIS B 297 26.52 -3.45 6.13
CA HIS B 297 26.95 -4.82 6.39
C HIS B 297 26.42 -5.82 5.35
N PHE B 298 25.24 -5.54 4.77
CA PHE B 298 24.70 -6.45 3.77
C PHE B 298 25.57 -6.47 2.50
N GLN B 299 26.41 -5.45 2.31
CA GLN B 299 27.27 -5.38 1.13
C GLN B 299 28.31 -6.49 1.18
N THR B 300 28.55 -7.06 2.36
CA THR B 300 29.45 -8.20 2.49
C THR B 300 28.80 -9.46 1.96
N VAL B 301 27.49 -9.40 1.68
CA VAL B 301 26.78 -10.54 1.13
C VAL B 301 27.22 -10.71 -0.32
N SER B 302 27.60 -11.94 -0.68
N SER B 302 27.58 -11.95 -0.68
CA SER B 302 28.11 -12.28 -1.99
CA SER B 302 28.14 -12.27 -1.99
C SER B 302 27.20 -11.75 -3.10
C SER B 302 27.22 -11.80 -3.11
N PRO B 303 27.78 -11.25 -4.22
CA PRO B 303 26.99 -10.83 -5.37
C PRO B 303 26.13 -11.91 -6.03
N GLU B 304 26.45 -13.19 -5.76
N GLU B 304 26.45 -13.19 -5.76
CA GLU B 304 25.69 -14.31 -6.29
CA GLU B 304 25.69 -14.30 -6.31
C GLU B 304 24.39 -14.49 -5.51
C GLU B 304 24.37 -14.47 -5.57
N VAL B 305 24.30 -13.86 -4.34
N VAL B 305 24.28 -13.90 -4.36
CA VAL B 305 23.04 -13.84 -3.61
CA VAL B 305 23.02 -13.89 -3.64
C VAL B 305 22.28 -12.61 -4.09
C VAL B 305 22.26 -12.65 -4.07
N LYS B 306 21.58 -12.75 -5.22
CA LYS B 306 21.09 -11.59 -5.94
C LYS B 306 19.57 -11.48 -5.82
N ASN B 307 18.90 -12.63 -5.84
CA ASN B 307 17.44 -12.67 -5.88
C ASN B 307 16.94 -12.85 -4.46
N ILE B 308 16.39 -11.78 -3.89
CA ILE B 308 16.15 -11.82 -2.46
C ILE B 308 14.68 -11.54 -2.18
N CYS B 309 14.06 -12.38 -1.34
CA CYS B 309 12.69 -12.15 -0.94
C CYS B 309 12.70 -11.57 0.47
N ILE B 310 12.08 -10.38 0.59
CA ILE B 310 11.94 -9.72 1.88
C ILE B 310 10.49 -9.87 2.32
N VAL B 311 10.29 -10.30 3.58
CA VAL B 311 8.94 -10.45 4.12
C VAL B 311 8.49 -9.09 4.68
N LEU B 312 7.49 -8.49 4.02
CA LEU B 312 6.85 -7.28 4.51
C LEU B 312 5.76 -7.73 5.47
N SER B 313 6.16 -7.85 6.75
CA SER B 313 5.49 -8.73 7.70
C SER B 313 4.17 -8.15 8.24
N GLY B 314 4.01 -6.84 8.18
CA GLY B 314 2.80 -6.23 8.71
C GLY B 314 2.57 -4.81 8.22
N GLY B 315 1.32 -4.34 8.39
CA GLY B 315 0.99 -2.99 7.98
C GLY B 315 0.27 -2.19 9.07
N ASN B 316 0.46 -2.58 10.33
CA ASN B 316 -0.29 -1.98 11.42
C ASN B 316 0.48 -0.81 12.02
N VAL B 317 0.42 0.34 11.34
CA VAL B 317 1.24 1.47 11.74
C VAL B 317 0.33 2.56 12.31
N ASP B 318 0.80 3.15 13.41
CA ASP B 318 0.13 4.23 14.09
C ASP B 318 0.60 5.53 13.43
N LEU B 319 -0.30 6.13 12.65
CA LEU B 319 0.04 7.32 11.89
C LEU B 319 0.26 8.53 12.80
N THR B 320 -0.49 8.61 13.91
CA THR B 320 -0.29 9.67 14.90
C THR B 320 1.09 9.52 15.53
N SER B 321 1.45 8.27 15.84
CA SER B 321 2.75 7.96 16.43
C SER B 321 3.88 8.29 15.45
N SER B 322 3.60 8.16 14.15
CA SER B 322 4.62 8.31 13.12
C SER B 322 4.99 9.77 12.88
N ILE B 323 4.12 10.70 13.32
CA ILE B 323 4.33 12.12 13.08
C ILE B 323 5.70 12.56 13.61
N THR B 324 6.07 12.03 14.78
CA THR B 324 7.27 12.45 15.50
C THR B 324 8.52 12.34 14.62
N TRP B 325 8.60 11.29 13.80
CA TRP B 325 9.84 10.97 13.10
C TRP B 325 9.74 11.14 11.58
N VAL B 326 8.51 11.25 11.06
N VAL B 326 8.51 11.24 11.05
CA VAL B 326 8.29 11.36 9.62
CA VAL B 326 8.30 11.35 9.62
C VAL B 326 8.86 12.70 9.14
C VAL B 326 8.86 12.69 9.14
N LYS B 327 9.84 12.62 8.22
CA LYS B 327 10.49 13.78 7.65
C LYS B 327 11.22 13.36 6.37
N1 IMD C . -1.86 -7.29 -5.23
N1 IMD C . -2.33 -8.19 -5.42
C2 IMD C . -1.16 -6.89 -6.30
C2 IMD C . -1.55 -7.43 -6.21
N3 IMD C . -0.75 -5.65 -6.08
N3 IMD C . -1.40 -6.25 -5.62
C4 IMD C . -1.18 -5.25 -4.86
C4 IMD C . -1.90 -6.33 -4.35
C5 IMD C . -1.77 -6.31 -4.28
C5 IMD C . -2.57 -7.50 -4.26
MG MG D . -13.69 20.57 -9.59
C1 MLI E . -3.63 16.98 -12.36
C2 MLI E . -2.16 16.72 -12.68
C3 MLI E . -4.00 18.45 -12.51
O6 MLI E . -1.51 17.62 -13.27
O7 MLI E . -1.67 15.62 -12.38
O8 MLI E . -3.78 19.21 -11.54
O9 MLI E . -4.53 18.82 -13.57
C1 EDO F . -5.87 25.33 -10.48
O1 EDO F . -5.25 24.14 -10.94
C2 EDO F . -5.41 25.75 -9.15
O2 EDO F . -4.14 25.20 -8.83
C1 EDO G . -10.85 19.39 8.70
O1 EDO G . -10.09 18.22 8.52
C2 EDO G . -11.16 20.10 7.44
O2 EDO G . -10.00 20.58 6.78
C1 EDO H . -13.69 27.89 -5.83
O1 EDO H . -14.06 29.23 -6.13
C2 EDO H . -12.75 27.80 -4.70
O2 EDO H . -13.32 28.01 -3.41
C1 GOL I . 16.03 8.69 16.05
O1 GOL I . 15.20 7.77 16.76
C2 GOL I . 16.31 8.19 14.65
O2 GOL I . 17.66 7.72 14.55
C3 GOL I . 16.04 9.22 13.57
O3 GOL I . 14.70 9.71 13.66
C1 GOL J . 6.92 -5.83 24.32
O1 GOL J . 6.52 -5.14 23.13
C2 GOL J . 8.31 -5.42 24.76
O2 GOL J . 8.27 -4.16 25.44
C3 GOL J . 9.00 -6.47 25.61
O3 GOL J . 8.76 -7.78 25.10
MG MG K . 6.04 0.47 -8.71
MG MG L . -7.76 -6.71 3.63
MG MG M . 15.62 -8.75 19.10
C1 MLI N . 4.70 -9.53 18.39
C2 MLI N . 3.17 -9.49 18.51
C3 MLI N . 5.38 -9.41 19.74
O6 MLI N . 2.67 -9.64 19.66
O7 MLI N . 2.51 -9.30 17.48
O8 MLI N . 5.49 -8.27 20.22
O9 MLI N . 5.81 -10.43 20.28
PG ATP O . 8.07 -0.48 -11.13
O1G ATP O . 9.24 -1.46 -10.96
O2G ATP O . 6.99 -0.70 -10.11
O3G ATP O . 7.56 -0.44 -12.54
PB ATP O . 8.94 1.70 -9.42
O1B ATP O . 7.70 1.63 -8.58
O2B ATP O . 10.24 1.25 -8.87
O3B ATP O . 8.69 0.97 -10.81
PA ATP O . 8.20 4.41 -10.40
O1A ATP O . 6.88 3.88 -10.80
O2A ATP O . 9.01 5.21 -11.39
O3A ATP O . 9.15 3.22 -9.93
O5' ATP O . 8.08 5.27 -9.06
C5' ATP O . 7.39 4.74 -7.92
C4' ATP O . 6.94 5.90 -7.08
O4' ATP O . 8.11 6.58 -6.56
C3' ATP O . 6.11 6.98 -7.80
O3' ATP O . 4.96 7.28 -7.03
C2' ATP O . 7.06 8.18 -7.89
O2' ATP O . 6.39 9.42 -7.83
C1' ATP O . 7.92 7.98 -6.65
N9 ATP O . 9.24 8.57 -6.76
C8 ATP O . 10.26 8.21 -7.61
N7 ATP O . 11.34 8.95 -7.44
C5 ATP O . 10.99 9.85 -6.43
C6 ATP O . 11.70 10.89 -5.81
N6 ATP O . 12.96 11.21 -6.11
N1 ATP O . 11.06 11.59 -4.83
C2 ATP O . 9.80 11.24 -4.52
N3 ATP O . 9.03 10.28 -5.05
C4 ATP O . 9.70 9.61 -6.01
PG ATP P . -10.37 -8.64 3.72
O1G ATP P . -10.15 -10.09 4.05
O2G ATP P . -9.16 -8.04 3.03
O3G ATP P . -11.67 -8.39 2.98
PB ATP P . -10.36 -6.42 5.61
O1B ATP P . -9.01 -5.94 5.12
O2B ATP P . -11.57 -5.60 5.32
O3B ATP P . -10.59 -7.91 5.12
PA ATP P . -9.18 -7.03 8.26
O1A ATP P . -9.87 -7.62 9.47
O2A ATP P . -8.14 -7.86 7.58
O3A ATP P . -10.32 -6.63 7.20
O5' ATP P . -8.61 -5.60 8.69
C5' ATP P . -7.83 -4.79 7.77
C4' ATP P . -6.95 -3.89 8.60
O4' ATP P . -7.80 -3.00 9.38
C3' ATP P . -6.05 -4.59 9.63
O3' ATP P . -4.74 -4.03 9.58
C2' ATP P . -6.66 -4.22 10.99
O2' ATP P . -5.67 -4.01 11.97
C1' ATP P . -7.26 -2.86 10.67
N9 ATP P . -8.33 -2.48 11.55
C8 ATP P . -9.57 -3.11 11.69
N7 ATP P . -10.33 -2.50 12.58
C5 ATP P . -9.56 -1.45 13.04
C6 ATP P . -9.80 -0.44 13.99
N6 ATP P . -10.94 -0.33 14.67
N1 ATP P . -8.80 0.47 14.21
C2 ATP P . -7.66 0.36 13.51
N3 ATP P . -7.33 -0.55 12.60
C4 ATP P . -8.33 -1.43 12.41
C1 EDO Q . 9.30 -6.81 25.44
O1 EDO Q . 8.27 -7.22 24.57
C2 EDO Q . 9.26 -5.35 25.67
O2 EDO Q . 7.98 -4.84 25.36
C1 EDO R . 24.97 -3.95 17.62
O1 EDO R . 23.56 -4.05 17.47
C2 EDO R . 25.74 -4.33 16.42
O2 EDO R . 25.36 -3.60 15.25
C1 EDO S . -14.12 -5.61 11.99
O1 EDO S . -15.02 -4.63 11.50
C2 EDO S . -13.44 -5.16 13.23
O2 EDO S . -12.73 -3.96 13.07
#